data_9EVR
# 
_entry.id   9EVR 
# 
_audit_conform.dict_name       mmcif_pdbx.dic 
_audit_conform.dict_version    5.400 
_audit_conform.dict_location   http://mmcif.pdb.org/dictionaries/ascii/mmcif_pdbx.dic 
# 
loop_
_database_2.database_id 
_database_2.database_code 
_database_2.pdbx_database_accession 
_database_2.pdbx_DOI 
PDB   9EVR         pdb_00009evr 10.2210/pdb9evr/pdb 
WWPDB D_1292137676 ?            ?                   
# 
loop_
_pdbx_audit_revision_history.ordinal 
_pdbx_audit_revision_history.data_content_type 
_pdbx_audit_revision_history.major_revision 
_pdbx_audit_revision_history.minor_revision 
_pdbx_audit_revision_history.revision_date 
1 'Structure model' 1 0 2024-08-28 
2 'Structure model' 1 1 2024-12-04 
3 'Structure model' 1 2 2025-01-15 
# 
_pdbx_audit_revision_details.ordinal             1 
_pdbx_audit_revision_details.revision_ordinal    1 
_pdbx_audit_revision_details.data_content_type   'Structure model' 
_pdbx_audit_revision_details.provider            repository 
_pdbx_audit_revision_details.type                'Initial release' 
_pdbx_audit_revision_details.description         ? 
_pdbx_audit_revision_details.details             ? 
# 
loop_
_pdbx_audit_revision_group.ordinal 
_pdbx_audit_revision_group.revision_ordinal 
_pdbx_audit_revision_group.data_content_type 
_pdbx_audit_revision_group.group 
1 2 'Structure model' 'Database references' 
2 2 'Structure model' 'Structure summary'   
3 3 'Structure model' 'Database references' 
# 
loop_
_pdbx_audit_revision_category.ordinal 
_pdbx_audit_revision_category.revision_ordinal 
_pdbx_audit_revision_category.data_content_type 
_pdbx_audit_revision_category.category 
1 2 'Structure model' citation           
2 2 'Structure model' citation_author    
3 2 'Structure model' pdbx_entry_details 
4 3 'Structure model' citation           
# 
loop_
_pdbx_audit_revision_item.ordinal 
_pdbx_audit_revision_item.revision_ordinal 
_pdbx_audit_revision_item.data_content_type 
_pdbx_audit_revision_item.item 
1 3 'Structure model' '_citation.journal_volume' 
2 3 'Structure model' '_citation.page_first'     
3 3 'Structure model' '_citation.year'           
# 
_pdbx_database_status.status_code                     REL 
_pdbx_database_status.status_code_sf                  REL 
_pdbx_database_status.status_code_mr                  ? 
_pdbx_database_status.entry_id                        9EVR 
_pdbx_database_status.recvd_initial_deposition_date   2024-04-01 
_pdbx_database_status.SG_entry                        N 
_pdbx_database_status.deposit_site                    PDBE 
_pdbx_database_status.process_site                    PDBE 
_pdbx_database_status.status_code_cs                  ? 
_pdbx_database_status.status_code_nmr_data            ? 
_pdbx_database_status.methods_development_category    ? 
_pdbx_database_status.pdb_format_compatible           Y 
# 
_pdbx_contact_author.id                 3 
_pdbx_contact_author.email              bungo.akiyoshi@ed.ac.uk 
_pdbx_contact_author.name_first         Bungo 
_pdbx_contact_author.name_last          Akiyoshi 
_pdbx_contact_author.name_mi            ? 
_pdbx_contact_author.role               'principal investigator/group leader' 
_pdbx_contact_author.identifier_ORCID   0000-0001-6010-394X 
# 
loop_
_audit_author.name 
_audit_author.pdbx_ordinal 
_audit_author.identifier_ORCID 
'Ludzia, P.'   1 0000-0002-1678-6875 
'Ishii, M.'    2 0000-0001-9597-9458 
'Akiyoshi, B.' 3 0000-0001-6010-394X 
# 
loop_
_citation.abstract 
_citation.abstract_id_CAS 
_citation.book_id_ISBN 
_citation.book_publisher 
_citation.book_publisher_city 
_citation.book_title 
_citation.coordinate_linkage 
_citation.country 
_citation.database_id_Medline 
_citation.details 
_citation.id 
_citation.journal_abbrev 
_citation.journal_id_ASTM 
_citation.journal_id_CSD 
_citation.journal_id_ISSN 
_citation.journal_full 
_citation.journal_issue 
_citation.journal_volume 
_citation.language 
_citation.page_first 
_citation.page_last 
_citation.title 
_citation.year 
_citation.database_id_CSD 
_citation.pdbx_database_id_DOI 
_citation.pdbx_database_id_PubMed 
_citation.pdbx_database_id_patent 
_citation.unpublished_flag 
? ? ? ? ? ? ? UK ? ? primary Structure STRUE6 2005 0969-2126 ? ? 33 ? 123 ? 
;The kinetoplastid kinetochore protein KKT23 acetyltransferase is a structural homolog of GCN5 that acetylates the histone H2A C-terminal tail.
;
2025 ? 10.1016/j.str.2024.10.031 39579771 ? ? 
? ? ? ? ? ? ? US ? ? 1       Biorxiv   ?      ?    2692-8205 ? ? ?  ? ?   ? 
;The kinetoplastid kinetochore protein KKT23 acetyltransferase is a structural homolog of GCN5 that acetylates the histone H2A C-terminal tail
;
2024 ? 10.1101/2024.08.16.608276 ?        ? ? 
# 
loop_
_citation_author.citation_id 
_citation_author.name 
_citation_author.ordinal 
_citation_author.identifier_ORCID 
primary 'Ludzia, P.'   1  ?                   
primary 'Ishii, M.'    2  ?                   
primary 'Deak, G.'     3  ?                   
primary 'Spanos, C.'   4  ?                   
primary 'Wilson, M.D.' 5  ?                   
primary 'Redfield, C.' 6  ?                   
primary 'Akiyoshi, B.' 7  ?                   
1       'Ludzia, P.'   8  0000-0002-1678-6875 
1       'Ishii, M.'    9  0000-0001-9597-9458 
1       'Akiyoshi, B.' 10 0000-0001-6010-394X 
# 
_entity.id                         1 
_entity.type                       polymer 
_entity.src_method                 man 
_entity.pdbx_description           'N-acetyltransferase domain-containing protein' 
_entity.formula_weight             8104.038 
_entity.pdbx_number_of_molecules   1 
_entity.pdbx_ec                    ? 
_entity.pdbx_mutation              ? 
_entity.pdbx_fragment              ? 
_entity.details                    '6HIS-KKT23 2-70' 
# 
_entity_poly.entity_id                      1 
_entity_poly.type                           'polypeptide(L)' 
_entity_poly.nstd_linkage                   no 
_entity_poly.nstd_monomer                   no 
_entity_poly.pdbx_seq_one_letter_code       GSLLSDEHLALLAKYYATVEFTGEQKDALIEKYWEANEAERKAIARAYASLFANDADFIQRLLAHYDMHVS 
_entity_poly.pdbx_seq_one_letter_code_can   GSLLSDEHLALLAKYYATVEFTGEQKDALIEKYWEANEAERKAIARAYASLFANDADFIQRLLAHYDMHVS 
_entity_poly.pdbx_strand_id                 A 
_entity_poly.pdbx_target_identifier         ? 
# 
loop_
_entity_poly_seq.entity_id 
_entity_poly_seq.num 
_entity_poly_seq.mon_id 
_entity_poly_seq.hetero 
1 1  GLY n 
1 2  SER n 
1 3  LEU n 
1 4  LEU n 
1 5  SER n 
1 6  ASP n 
1 7  GLU n 
1 8  HIS n 
1 9  LEU n 
1 10 ALA n 
1 11 LEU n 
1 12 LEU n 
1 13 ALA n 
1 14 LYS n 
1 15 TYR n 
1 16 TYR n 
1 17 ALA n 
1 18 THR n 
1 19 VAL n 
1 20 GLU n 
1 21 PHE n 
1 22 THR n 
1 23 GLY n 
1 24 GLU n 
1 25 GLN n 
1 26 LYS n 
1 27 ASP n 
1 28 ALA n 
1 29 LEU n 
1 30 ILE n 
1 31 GLU n 
1 32 LYS n 
1 33 TYR n 
1 34 TRP n 
1 35 GLU n 
1 36 ALA n 
1 37 ASN n 
1 38 GLU n 
1 39 ALA n 
1 40 GLU n 
1 41 ARG n 
1 42 LYS n 
1 43 ALA n 
1 44 ILE n 
1 45 ALA n 
1 46 ARG n 
1 47 ALA n 
1 48 TYR n 
1 49 ALA n 
1 50 SER n 
1 51 LEU n 
1 52 PHE n 
1 53 ALA n 
1 54 ASN n 
1 55 ASP n 
1 56 ALA n 
1 57 ASP n 
1 58 PHE n 
1 59 ILE n 
1 60 GLN n 
1 61 ARG n 
1 62 LEU n 
1 63 LEU n 
1 64 ALA n 
1 65 HIS n 
1 66 TYR n 
1 67 ASP n 
1 68 MET n 
1 69 HIS n 
1 70 VAL n 
1 71 SER n 
# 
_entity_src_gen.entity_id                          1 
_entity_src_gen.pdbx_src_id                        1 
_entity_src_gen.pdbx_alt_source_flag               sample 
_entity_src_gen.pdbx_seq_type                      'Biological sequence' 
_entity_src_gen.pdbx_beg_seq_num                   1 
_entity_src_gen.pdbx_end_seq_num                   71 
_entity_src_gen.gene_src_common_name               ? 
_entity_src_gen.gene_src_genus                     ? 
_entity_src_gen.pdbx_gene_src_gene                 Tb10.70.0180 
_entity_src_gen.gene_src_species                   ? 
_entity_src_gen.gene_src_strain                    ? 
_entity_src_gen.gene_src_tissue                    ? 
_entity_src_gen.gene_src_tissue_fraction           ? 
_entity_src_gen.gene_src_details                   ? 
_entity_src_gen.pdbx_gene_src_fragment             ? 
_entity_src_gen.pdbx_gene_src_scientific_name      'Trypanosoma brucei brucei TREU927' 
_entity_src_gen.pdbx_gene_src_ncbi_taxonomy_id     185431 
_entity_src_gen.pdbx_gene_src_variant              ? 
_entity_src_gen.pdbx_gene_src_cell_line            ? 
_entity_src_gen.pdbx_gene_src_atcc                 ? 
_entity_src_gen.pdbx_gene_src_organ                ? 
_entity_src_gen.pdbx_gene_src_organelle            ? 
_entity_src_gen.pdbx_gene_src_cell                 ? 
_entity_src_gen.pdbx_gene_src_cellular_location    ? 
_entity_src_gen.host_org_common_name               ? 
_entity_src_gen.pdbx_host_org_scientific_name      'Escherichia coli BL21(DE3)' 
_entity_src_gen.pdbx_host_org_ncbi_taxonomy_id     469008 
_entity_src_gen.host_org_genus                     ? 
_entity_src_gen.pdbx_host_org_gene                 ? 
_entity_src_gen.pdbx_host_org_organ                ? 
_entity_src_gen.host_org_species                   ? 
_entity_src_gen.pdbx_host_org_tissue               ? 
_entity_src_gen.pdbx_host_org_tissue_fraction      ? 
_entity_src_gen.pdbx_host_org_strain               ? 
_entity_src_gen.pdbx_host_org_variant              ? 
_entity_src_gen.pdbx_host_org_cell_line            ? 
_entity_src_gen.pdbx_host_org_atcc                 ? 
_entity_src_gen.pdbx_host_org_culture_collection   ? 
_entity_src_gen.pdbx_host_org_cell                 ? 
_entity_src_gen.pdbx_host_org_organelle            ? 
_entity_src_gen.pdbx_host_org_cellular_location    ? 
_entity_src_gen.pdbx_host_org_vector_type          ? 
_entity_src_gen.pdbx_host_org_vector               ? 
_entity_src_gen.host_org_details                   ? 
_entity_src_gen.expression_system_id               ? 
_entity_src_gen.plasmid_name                       ? 
_entity_src_gen.plasmid_details                    ? 
_entity_src_gen.pdbx_description                   ? 
# 
loop_
_chem_comp.id 
_chem_comp.type 
_chem_comp.mon_nstd_flag 
_chem_comp.name 
_chem_comp.pdbx_synonyms 
_chem_comp.formula 
_chem_comp.formula_weight 
ALA 'L-peptide linking' y ALANINE         ? 'C3 H7 N O2'     89.093  
ARG 'L-peptide linking' y ARGININE        ? 'C6 H15 N4 O2 1' 175.209 
ASN 'L-peptide linking' y ASPARAGINE      ? 'C4 H8 N2 O3'    132.118 
ASP 'L-peptide linking' y 'ASPARTIC ACID' ? 'C4 H7 N O4'     133.103 
GLN 'L-peptide linking' y GLUTAMINE       ? 'C5 H10 N2 O3'   146.144 
GLU 'L-peptide linking' y 'GLUTAMIC ACID' ? 'C5 H9 N O4'     147.129 
GLY 'peptide linking'   y GLYCINE         ? 'C2 H5 N O2'     75.067  
HIS 'L-peptide linking' y HISTIDINE       ? 'C6 H10 N3 O2 1' 156.162 
ILE 'L-peptide linking' y ISOLEUCINE      ? 'C6 H13 N O2'    131.173 
LEU 'L-peptide linking' y LEUCINE         ? 'C6 H13 N O2'    131.173 
LYS 'L-peptide linking' y LYSINE          ? 'C6 H15 N2 O2 1' 147.195 
MET 'L-peptide linking' y METHIONINE      ? 'C5 H11 N O2 S'  149.211 
PHE 'L-peptide linking' y PHENYLALANINE   ? 'C9 H11 N O2'    165.189 
SER 'L-peptide linking' y SERINE          ? 'C3 H7 N O3'     105.093 
THR 'L-peptide linking' y THREONINE       ? 'C4 H9 N O3'     119.119 
TRP 'L-peptide linking' y TRYPTOPHAN      ? 'C11 H12 N2 O2'  204.225 
TYR 'L-peptide linking' y TYROSINE        ? 'C9 H11 N O3'    181.189 
VAL 'L-peptide linking' y VALINE          ? 'C5 H11 N O2'    117.146 
# 
loop_
_pdbx_poly_seq_scheme.asym_id 
_pdbx_poly_seq_scheme.entity_id 
_pdbx_poly_seq_scheme.seq_id 
_pdbx_poly_seq_scheme.mon_id 
_pdbx_poly_seq_scheme.ndb_seq_num 
_pdbx_poly_seq_scheme.pdb_seq_num 
_pdbx_poly_seq_scheme.auth_seq_num 
_pdbx_poly_seq_scheme.pdb_mon_id 
_pdbx_poly_seq_scheme.auth_mon_id 
_pdbx_poly_seq_scheme.pdb_strand_id 
_pdbx_poly_seq_scheme.pdb_ins_code 
_pdbx_poly_seq_scheme.hetero 
A 1 1  GLY 1  0  ?  ?   ?   A . n 
A 1 2  SER 2  1  ?  ?   ?   A . n 
A 1 3  LEU 3  2  ?  ?   ?   A . n 
A 1 4  LEU 4  3  ?  ?   ?   A . n 
A 1 5  SER 5  4  ?  ?   ?   A . n 
A 1 6  ASP 6  5  ?  ?   ?   A . n 
A 1 7  GLU 7  6  ?  ?   ?   A . n 
A 1 8  HIS 8  7  ?  ?   ?   A . n 
A 1 9  LEU 9  8  ?  ?   ?   A . n 
A 1 10 ALA 10 9  ?  ?   ?   A . n 
A 1 11 LEU 11 10 ?  ?   ?   A . n 
A 1 12 LEU 12 11 ?  ?   ?   A . n 
A 1 13 ALA 13 12 ?  ?   ?   A . n 
A 1 14 LYS 14 13 ?  ?   ?   A . n 
A 1 15 TYR 15 14 ?  ?   ?   A . n 
A 1 16 TYR 16 15 ?  ?   ?   A . n 
A 1 17 ALA 17 16 ?  ?   ?   A . n 
A 1 18 THR 18 17 17 THR THR A . n 
A 1 19 VAL 19 18 18 VAL VAL A . n 
A 1 20 GLU 20 19 19 GLU GLU A . n 
A 1 21 PHE 21 20 20 PHE PHE A . n 
A 1 22 THR 22 21 21 THR THR A . n 
A 1 23 GLY 23 22 22 GLY GLY A . n 
A 1 24 GLU 24 23 23 GLU GLU A . n 
A 1 25 GLN 25 24 24 GLN GLN A . n 
A 1 26 LYS 26 25 25 LYS LYS A . n 
A 1 27 ASP 27 26 26 ASP ASP A . n 
A 1 28 ALA 28 27 27 ALA ALA A . n 
A 1 29 LEU 29 28 28 LEU LEU A . n 
A 1 30 ILE 30 29 29 ILE ILE A . n 
A 1 31 GLU 31 30 30 GLU GLU A . n 
A 1 32 LYS 32 31 31 LYS LYS A . n 
A 1 33 TYR 33 32 32 TYR TYR A . n 
A 1 34 TRP 34 33 33 TRP TRP A . n 
A 1 35 GLU 35 34 34 GLU GLU A . n 
A 1 36 ALA 36 35 35 ALA ALA A . n 
A 1 37 ASN 37 36 36 ASN ASN A . n 
A 1 38 GLU 38 37 37 GLU GLU A . n 
A 1 39 ALA 39 38 38 ALA ALA A . n 
A 1 40 GLU 40 39 39 GLU GLU A . n 
A 1 41 ARG 41 40 40 ARG ARG A . n 
A 1 42 LYS 42 41 41 LYS LYS A . n 
A 1 43 ALA 43 42 42 ALA ALA A . n 
A 1 44 ILE 44 43 43 ILE ILE A . n 
A 1 45 ALA 45 44 44 ALA ALA A . n 
A 1 46 ARG 46 45 45 ARG ARG A . n 
A 1 47 ALA 47 46 46 ALA ALA A . n 
A 1 48 TYR 48 47 47 TYR TYR A . n 
A 1 49 ALA 49 48 48 ALA ALA A . n 
A 1 50 SER 50 49 49 SER SER A . n 
A 1 51 LEU 51 50 50 LEU LEU A . n 
A 1 52 PHE 52 51 51 PHE PHE A . n 
A 1 53 ALA 53 52 52 ALA ALA A . n 
A 1 54 ASN 54 53 53 ASN ASN A . n 
A 1 55 ASP 55 54 54 ASP ASP A . n 
A 1 56 ALA 56 55 55 ALA ALA A . n 
A 1 57 ASP 57 56 56 ASP ASP A . n 
A 1 58 PHE 58 57 57 PHE PHE A . n 
A 1 59 ILE 59 58 58 ILE ILE A . n 
A 1 60 GLN 60 59 59 GLN GLN A . n 
A 1 61 ARG 61 60 60 ARG ARG A . n 
A 1 62 LEU 62 61 61 LEU LEU A . n 
A 1 63 LEU 63 62 62 LEU LEU A . n 
A 1 64 ALA 64 63 63 ALA ALA A . n 
A 1 65 HIS 65 64 64 HIS HIS A . n 
A 1 66 TYR 66 65 ?  ?   ?   A . n 
A 1 67 ASP 67 66 ?  ?   ?   A . n 
A 1 68 MET 68 67 ?  ?   ?   A . n 
A 1 69 HIS 69 68 ?  ?   ?   A . n 
A 1 70 VAL 70 69 ?  ?   ?   A . n 
A 1 71 SER 71 70 ?  ?   ?   A . n 
# 
loop_
_pdbx_unobs_or_zero_occ_atoms.id 
_pdbx_unobs_or_zero_occ_atoms.PDB_model_num 
_pdbx_unobs_or_zero_occ_atoms.polymer_flag 
_pdbx_unobs_or_zero_occ_atoms.occupancy_flag 
_pdbx_unobs_or_zero_occ_atoms.auth_asym_id 
_pdbx_unobs_or_zero_occ_atoms.auth_comp_id 
_pdbx_unobs_or_zero_occ_atoms.auth_seq_id 
_pdbx_unobs_or_zero_occ_atoms.PDB_ins_code 
_pdbx_unobs_or_zero_occ_atoms.auth_atom_id 
_pdbx_unobs_or_zero_occ_atoms.label_alt_id 
_pdbx_unobs_or_zero_occ_atoms.label_asym_id 
_pdbx_unobs_or_zero_occ_atoms.label_comp_id 
_pdbx_unobs_or_zero_occ_atoms.label_seq_id 
_pdbx_unobs_or_zero_occ_atoms.label_atom_id 
1 1 Y 1 A GLU 37 ? CG  ? A GLU 38 CG  
2 1 Y 1 A GLU 37 ? CD  ? A GLU 38 CD  
3 1 Y 1 A GLU 37 ? OE1 ? A GLU 38 OE1 
4 1 Y 1 A GLU 37 ? OE2 ? A GLU 38 OE2 
# 
loop_
_software.citation_id 
_software.classification 
_software.compiler_name 
_software.compiler_version 
_software.contact_author 
_software.contact_author_email 
_software.date 
_software.description 
_software.dependencies 
_software.hardware 
_software.language 
_software.location 
_software.mods 
_software.name 
_software.os 
_software.os_version 
_software.type 
_software.version 
_software.pdbx_ordinal 
? refinement       ? ? ? ? ? ? ? ? ? ? ? PHENIX     ? ? ? '(1.20_4444: ???)' 1 
? 'data reduction' ? ? ? ? ? ? ? ? ? ? ? XDS        ? ? ? .                  2 
? 'data scaling'   ? ? ? ? ? ? ? ? ? ? ? Aimless    ? ? ? .                  3 
? phasing          ? ? ? ? ? ? ? ? ? ? ? Arcimboldo ? ? ? .                  4 
# 
_cell.angle_alpha                  90.00 
_cell.angle_alpha_esd              ? 
_cell.angle_beta                   90.00 
_cell.angle_beta_esd               ? 
_cell.angle_gamma                  120.00 
_cell.angle_gamma_esd              ? 
_cell.entry_id                     9EVR 
_cell.details                      ? 
_cell.formula_units_Z              ? 
_cell.length_a                     57.338 
_cell.length_a_esd                 ? 
_cell.length_b                     57.338 
_cell.length_b_esd                 ? 
_cell.length_c                     83.517 
_cell.length_c_esd                 ? 
_cell.volume                       ? 
_cell.volume_esd                   ? 
_cell.Z_PDB                        12 
_cell.reciprocal_angle_alpha       ? 
_cell.reciprocal_angle_beta        ? 
_cell.reciprocal_angle_gamma       ? 
_cell.reciprocal_angle_alpha_esd   ? 
_cell.reciprocal_angle_beta_esd    ? 
_cell.reciprocal_angle_gamma_esd   ? 
_cell.reciprocal_length_a          ? 
_cell.reciprocal_length_b          ? 
_cell.reciprocal_length_c          ? 
_cell.reciprocal_length_a_esd      ? 
_cell.reciprocal_length_b_esd      ? 
_cell.reciprocal_length_c_esd      ? 
_cell.pdbx_unique_axis             ? 
_cell.pdbx_esd_method              ? 
# 
_symmetry.entry_id                         9EVR 
_symmetry.cell_setting                     ? 
_symmetry.Int_Tables_number                180 
_symmetry.space_group_name_Hall            ? 
_symmetry.space_group_name_H-M             'P 62 2 2' 
_symmetry.pdbx_full_space_group_name_H-M   ? 
# 
_exptl.absorpt_coefficient_mu     ? 
_exptl.absorpt_correction_T_max   ? 
_exptl.absorpt_correction_T_min   ? 
_exptl.absorpt_correction_type    ? 
_exptl.absorpt_process_details    ? 
_exptl.entry_id                   9EVR 
_exptl.crystals_number            1 
_exptl.details                    ? 
_exptl.method                     'X-RAY DIFFRACTION' 
_exptl.method_details             ? 
# 
_exptl_crystal.colour                       ? 
_exptl_crystal.density_diffrn               ? 
_exptl_crystal.density_Matthews             2.45 
_exptl_crystal.density_method               ? 
_exptl_crystal.density_percent_sol          49.70 
_exptl_crystal.description                  ? 
_exptl_crystal.F_000                        ? 
_exptl_crystal.id                           1 
_exptl_crystal.preparation                  ? 
_exptl_crystal.size_max                     ? 
_exptl_crystal.size_mid                     ? 
_exptl_crystal.size_min                     ? 
_exptl_crystal.size_rad                     ? 
_exptl_crystal.colour_lustre                ? 
_exptl_crystal.colour_modifier              ? 
_exptl_crystal.colour_primary               ? 
_exptl_crystal.density_meas                 ? 
_exptl_crystal.density_meas_esd             ? 
_exptl_crystal.density_meas_gt              ? 
_exptl_crystal.density_meas_lt              ? 
_exptl_crystal.density_meas_temp            ? 
_exptl_crystal.density_meas_temp_esd        ? 
_exptl_crystal.density_meas_temp_gt         ? 
_exptl_crystal.density_meas_temp_lt         ? 
_exptl_crystal.pdbx_crystal_image_url       ? 
_exptl_crystal.pdbx_crystal_image_format    ? 
_exptl_crystal.pdbx_mosaicity               ? 
_exptl_crystal.pdbx_mosaicity_esd           ? 
_exptl_crystal.pdbx_mosaic_method           ? 
_exptl_crystal.pdbx_mosaic_block_size       ? 
_exptl_crystal.pdbx_mosaic_block_size_esd   ? 
# 
_exptl_crystal_grow.apparatus       ? 
_exptl_crystal_grow.atmosphere      ? 
_exptl_crystal_grow.crystal_id      1 
_exptl_crystal_grow.details         ? 
_exptl_crystal_grow.method          'VAPOR DIFFUSION, SITTING DROP' 
_exptl_crystal_grow.method_ref      ? 
_exptl_crystal_grow.pH              ? 
_exptl_crystal_grow.pressure        ? 
_exptl_crystal_grow.pressure_esd    ? 
_exptl_crystal_grow.seeding         ? 
_exptl_crystal_grow.seeding_ref     ? 
_exptl_crystal_grow.temp_details    ? 
_exptl_crystal_grow.temp_esd        ? 
_exptl_crystal_grow.time            ? 
_exptl_crystal_grow.pdbx_details    '1M Sodium phosphate, pH 6.5, 12% w/v PEG 8000' 
_exptl_crystal_grow.pdbx_pH_range   ? 
_exptl_crystal_grow.temp            277 
# 
_diffrn.ambient_environment              ? 
_diffrn.ambient_temp                     291 
_diffrn.ambient_temp_details             ? 
_diffrn.ambient_temp_esd                 ? 
_diffrn.crystal_id                       1 
_diffrn.crystal_support                  ? 
_diffrn.crystal_treatment                ? 
_diffrn.details                          ? 
_diffrn.id                               1 
_diffrn.ambient_pressure                 ? 
_diffrn.ambient_pressure_esd             ? 
_diffrn.ambient_pressure_gt              ? 
_diffrn.ambient_pressure_lt              ? 
_diffrn.ambient_temp_gt                  ? 
_diffrn.ambient_temp_lt                  ? 
_diffrn.pdbx_serial_crystal_experiment   N 
# 
_diffrn_detector.details                      ? 
_diffrn_detector.detector                     PIXEL 
_diffrn_detector.diffrn_id                    1 
_diffrn_detector.type                         'DECTRIS EIGER X 16M' 
_diffrn_detector.area_resol_mean              ? 
_diffrn_detector.dtime                        ? 
_diffrn_detector.pdbx_frames_total            ? 
_diffrn_detector.pdbx_collection_time_total   ? 
_diffrn_detector.pdbx_collection_date         2021-11-28 
_diffrn_detector.pdbx_frequency               ? 
_diffrn_detector.id                           ? 
_diffrn_detector.number_of_axes               ? 
# 
_diffrn_radiation.collimation                      ? 
_diffrn_radiation.diffrn_id                        1 
_diffrn_radiation.filter_edge                      ? 
_diffrn_radiation.inhomogeneity                    ? 
_diffrn_radiation.monochromator                    ? 
_diffrn_radiation.polarisn_norm                    ? 
_diffrn_radiation.polarisn_ratio                   ? 
_diffrn_radiation.probe                            ? 
_diffrn_radiation.type                             ? 
_diffrn_radiation.xray_symbol                      ? 
_diffrn_radiation.wavelength_id                    1 
_diffrn_radiation.pdbx_monochromatic_or_laue_m_l   M 
_diffrn_radiation.pdbx_wavelength_list             ? 
_diffrn_radiation.pdbx_wavelength                  ? 
_diffrn_radiation.pdbx_diffrn_protocol             'SINGLE WAVELENGTH' 
_diffrn_radiation.pdbx_analyzer                    ? 
_diffrn_radiation.pdbx_scattering_type             x-ray 
# 
_diffrn_radiation_wavelength.id           1 
_diffrn_radiation_wavelength.wavelength   0.9795 
_diffrn_radiation_wavelength.wt           1.0 
# 
_diffrn_source.current                     ? 
_diffrn_source.details                     ? 
_diffrn_source.diffrn_id                   1 
_diffrn_source.power                       ? 
_diffrn_source.size                        ? 
_diffrn_source.source                      SYNCHROTRON 
_diffrn_source.target                      ? 
_diffrn_source.type                        'DIAMOND BEAMLINE I04' 
_diffrn_source.voltage                     ? 
_diffrn_source.take-off_angle              ? 
_diffrn_source.pdbx_wavelength_list        0.9795 
_diffrn_source.pdbx_wavelength             ? 
_diffrn_source.pdbx_synchrotron_beamline   I04 
_diffrn_source.pdbx_synchrotron_site       Diamond 
# 
_reflns.B_iso_Wilson_estimate                          ? 
_reflns.entry_id                                       9EVR 
_reflns.data_reduction_details                         ? 
_reflns.data_reduction_method                          ? 
_reflns.d_resolution_high                              2.49 
_reflns.d_resolution_low                               42.73 
_reflns.details                                        ? 
_reflns.limit_h_max                                    ? 
_reflns.limit_h_min                                    ? 
_reflns.limit_k_max                                    ? 
_reflns.limit_k_min                                    ? 
_reflns.limit_l_max                                    ? 
_reflns.limit_l_min                                    ? 
_reflns.number_all                                     ? 
_reflns.number_obs                                     3165 
_reflns.observed_criterion                             ? 
_reflns.observed_criterion_F_max                       ? 
_reflns.observed_criterion_F_min                       ? 
_reflns.observed_criterion_I_max                       ? 
_reflns.observed_criterion_I_min                       ? 
_reflns.observed_criterion_sigma_F                     ? 
_reflns.observed_criterion_sigma_I                     ? 
_reflns.percent_possible_obs                           100 
_reflns.R_free_details                                 ? 
_reflns.Rmerge_F_all                                   ? 
_reflns.Rmerge_F_obs                                   ? 
_reflns.Friedel_coverage                               ? 
_reflns.number_gt                                      ? 
_reflns.threshold_expression                           ? 
_reflns.pdbx_redundancy                                18.4 
_reflns.pdbx_netI_over_av_sigmaI                       ? 
_reflns.pdbx_netI_over_sigmaI                          12.7 
_reflns.pdbx_res_netI_over_av_sigmaI_2                 ? 
_reflns.pdbx_res_netI_over_sigmaI_2                    ? 
_reflns.pdbx_chi_squared                               ? 
_reflns.pdbx_scaling_rejects                           ? 
_reflns.pdbx_d_res_high_opt                            ? 
_reflns.pdbx_d_res_low_opt                             ? 
_reflns.pdbx_d_res_opt_method                          ? 
_reflns.phase_calculation_details                      ? 
_reflns.pdbx_Rrim_I_all                                0.106 
_reflns.pdbx_Rpim_I_all                                ? 
_reflns.pdbx_d_opt                                     ? 
_reflns.pdbx_number_measured_all                       ? 
_reflns.pdbx_diffrn_id                                 1 
_reflns.pdbx_ordinal                                   1 
_reflns.pdbx_CC_half                                   1.0 
_reflns.pdbx_CC_star                                   ? 
_reflns.pdbx_R_split                                   ? 
_reflns.pdbx_Rmerge_I_obs                              ? 
_reflns.pdbx_Rmerge_I_all                              ? 
_reflns.pdbx_Rsym_value                                ? 
_reflns.pdbx_CC_split_method                           ? 
_reflns.pdbx_aniso_diffraction_limit_axis_1_ortho[1]   ? 
_reflns.pdbx_aniso_diffraction_limit_axis_1_ortho[2]   ? 
_reflns.pdbx_aniso_diffraction_limit_axis_1_ortho[3]   ? 
_reflns.pdbx_aniso_diffraction_limit_axis_2_ortho[1]   ? 
_reflns.pdbx_aniso_diffraction_limit_axis_2_ortho[2]   ? 
_reflns.pdbx_aniso_diffraction_limit_axis_2_ortho[3]   ? 
_reflns.pdbx_aniso_diffraction_limit_axis_3_ortho[1]   ? 
_reflns.pdbx_aniso_diffraction_limit_axis_3_ortho[2]   ? 
_reflns.pdbx_aniso_diffraction_limit_axis_3_ortho[3]   ? 
_reflns.pdbx_aniso_diffraction_limit_1                 ? 
_reflns.pdbx_aniso_diffraction_limit_2                 ? 
_reflns.pdbx_aniso_diffraction_limit_3                 ? 
_reflns.pdbx_aniso_B_tensor_eigenvector_1_ortho[1]     ? 
_reflns.pdbx_aniso_B_tensor_eigenvector_1_ortho[2]     ? 
_reflns.pdbx_aniso_B_tensor_eigenvector_1_ortho[3]     ? 
_reflns.pdbx_aniso_B_tensor_eigenvector_2_ortho[1]     ? 
_reflns.pdbx_aniso_B_tensor_eigenvector_2_ortho[2]     ? 
_reflns.pdbx_aniso_B_tensor_eigenvector_2_ortho[3]     ? 
_reflns.pdbx_aniso_B_tensor_eigenvector_3_ortho[1]     ? 
_reflns.pdbx_aniso_B_tensor_eigenvector_3_ortho[2]     ? 
_reflns.pdbx_aniso_B_tensor_eigenvector_3_ortho[3]     ? 
_reflns.pdbx_aniso_B_tensor_eigenvalue_1               ? 
_reflns.pdbx_aniso_B_tensor_eigenvalue_2               ? 
_reflns.pdbx_aniso_B_tensor_eigenvalue_3               ? 
_reflns.pdbx_orthogonalization_convention              ? 
_reflns.pdbx_percent_possible_ellipsoidal              ? 
_reflns.pdbx_percent_possible_spherical                ? 
_reflns.pdbx_percent_possible_ellipsoidal_anomalous    ? 
_reflns.pdbx_percent_possible_spherical_anomalous      ? 
_reflns.pdbx_redundancy_anomalous                      ? 
_reflns.pdbx_CC_half_anomalous                         ? 
_reflns.pdbx_absDiff_over_sigma_anomalous              ? 
_reflns.pdbx_percent_possible_anomalous                ? 
_reflns.pdbx_observed_signal_threshold                 ? 
_reflns.pdbx_signal_type                               ? 
_reflns.pdbx_signal_details                            ? 
_reflns.pdbx_signal_software_id                        ? 
# 
loop_
_reflns_shell.d_res_high 
_reflns_shell.d_res_low 
_reflns_shell.meanI_over_sigI_all 
_reflns_shell.meanI_over_sigI_obs 
_reflns_shell.number_measured_all 
_reflns_shell.number_measured_obs 
_reflns_shell.number_possible 
_reflns_shell.number_unique_all 
_reflns_shell.number_unique_obs 
_reflns_shell.percent_possible_obs 
_reflns_shell.Rmerge_F_all 
_reflns_shell.Rmerge_F_obs 
_reflns_shell.meanI_over_sigI_gt 
_reflns_shell.meanI_over_uI_all 
_reflns_shell.meanI_over_uI_gt 
_reflns_shell.number_measured_gt 
_reflns_shell.number_unique_gt 
_reflns_shell.percent_possible_gt 
_reflns_shell.Rmerge_F_gt 
_reflns_shell.Rmerge_I_gt 
_reflns_shell.pdbx_redundancy 
_reflns_shell.pdbx_chi_squared 
_reflns_shell.pdbx_netI_over_sigmaI_all 
_reflns_shell.pdbx_netI_over_sigmaI_obs 
_reflns_shell.pdbx_Rrim_I_all 
_reflns_shell.pdbx_Rpim_I_all 
_reflns_shell.pdbx_rejects 
_reflns_shell.pdbx_ordinal 
_reflns_shell.pdbx_diffrn_id 
_reflns_shell.pdbx_CC_half 
_reflns_shell.pdbx_CC_star 
_reflns_shell.pdbx_R_split 
_reflns_shell.percent_possible_all 
_reflns_shell.Rmerge_I_all 
_reflns_shell.Rmerge_I_obs 
_reflns_shell.pdbx_Rsym_value 
_reflns_shell.pdbx_percent_possible_ellipsoidal 
_reflns_shell.pdbx_percent_possible_spherical 
_reflns_shell.pdbx_percent_possible_ellipsoidal_anomalous 
_reflns_shell.pdbx_percent_possible_spherical_anomalous 
_reflns_shell.pdbx_redundancy_anomalous 
_reflns_shell.pdbx_CC_half_anomalous 
_reflns_shell.pdbx_absDiff_over_sigma_anomalous 
_reflns_shell.pdbx_percent_possible_anomalous 
2.49 2.53  ? 0.4  ? ? ? ? 148 ? ? ? ? ? ? ? ? ? ? ? ? ? ? ? 9.378 ? ? 1 1 0.7 ? ? ?   ? ? ? ? ? ? ? ? ? ? ? 
6.75 42.73 ? 55.7 ? ? ? ? 199 ? ? ? ? ? ? ? ? ? ? ? ? ? ? ? 0.029 ? ? 2 1 1.0 ? ? 100 ? ? ? ? ? ? ? ? ? ? ? 
# 
_refine.aniso_B[1][1]                            ? 
_refine.aniso_B[1][2]                            ? 
_refine.aniso_B[1][3]                            ? 
_refine.aniso_B[2][2]                            ? 
_refine.aniso_B[2][3]                            ? 
_refine.aniso_B[3][3]                            ? 
_refine.B_iso_max                                ? 
_refine.B_iso_mean                               ? 
_refine.B_iso_min                                ? 
_refine.correlation_coeff_Fo_to_Fc               ? 
_refine.correlation_coeff_Fo_to_Fc_free          ? 
_refine.details                                  ? 
_refine.diff_density_max                         ? 
_refine.diff_density_max_esd                     ? 
_refine.diff_density_min                         ? 
_refine.diff_density_min_esd                     ? 
_refine.diff_density_rms                         ? 
_refine.diff_density_rms_esd                     ? 
_refine.entry_id                                 9EVR 
_refine.pdbx_refine_id                           'X-RAY DIFFRACTION' 
_refine.ls_abs_structure_details                 ? 
_refine.ls_abs_structure_Flack                   ? 
_refine.ls_abs_structure_Flack_esd               ? 
_refine.ls_abs_structure_Rogers                  ? 
_refine.ls_abs_structure_Rogers_esd              ? 
_refine.ls_d_res_high                            2.70 
_refine.ls_d_res_low                             42.73 
_refine.ls_extinction_coef                       ? 
_refine.ls_extinction_coef_esd                   ? 
_refine.ls_extinction_expression                 ? 
_refine.ls_extinction_method                     ? 
_refine.ls_goodness_of_fit_all                   ? 
_refine.ls_goodness_of_fit_all_esd               ? 
_refine.ls_goodness_of_fit_obs                   ? 
_refine.ls_goodness_of_fit_obs_esd               ? 
_refine.ls_hydrogen_treatment                    ? 
_refine.ls_matrix_type                           ? 
_refine.ls_number_constraints                    ? 
_refine.ls_number_parameters                     ? 
_refine.ls_number_reflns_all                     ? 
_refine.ls_number_reflns_obs                     2517 
_refine.ls_number_reflns_R_free                  121 
_refine.ls_number_reflns_R_work                  ? 
_refine.ls_number_restraints                     ? 
_refine.ls_percent_reflns_obs                    99.84 
_refine.ls_percent_reflns_R_free                 4.81 
_refine.ls_R_factor_all                          ? 
_refine.ls_R_factor_obs                          0.2463 
_refine.ls_R_factor_R_free                       0.2649 
_refine.ls_R_factor_R_free_error                 ? 
_refine.ls_R_factor_R_free_error_details         ? 
_refine.ls_R_factor_R_work                       0.2453 
_refine.ls_R_Fsqd_factor_obs                     ? 
_refine.ls_R_I_factor_obs                        ? 
_refine.ls_redundancy_reflns_all                 ? 
_refine.ls_redundancy_reflns_obs                 ? 
_refine.ls_restrained_S_all                      ? 
_refine.ls_restrained_S_obs                      ? 
_refine.ls_shift_over_esd_max                    ? 
_refine.ls_shift_over_esd_mean                   ? 
_refine.ls_structure_factor_coef                 ? 
_refine.ls_weighting_details                     ? 
_refine.ls_weighting_scheme                      ? 
_refine.ls_wR_factor_all                         ? 
_refine.ls_wR_factor_obs                         ? 
_refine.ls_wR_factor_R_free                      ? 
_refine.ls_wR_factor_R_work                      ? 
_refine.occupancy_max                            ? 
_refine.occupancy_min                            ? 
_refine.solvent_model_details                    'FLAT BULK SOLVENT MODEL' 
_refine.solvent_model_param_bsol                 ? 
_refine.solvent_model_param_ksol                 ? 
_refine.pdbx_R_complete                          ? 
_refine.ls_R_factor_gt                           ? 
_refine.ls_goodness_of_fit_gt                    ? 
_refine.ls_goodness_of_fit_ref                   ? 
_refine.ls_shift_over_su_max                     ? 
_refine.ls_shift_over_su_max_lt                  ? 
_refine.ls_shift_over_su_mean                    ? 
_refine.ls_shift_over_su_mean_lt                 ? 
_refine.pdbx_ls_sigma_I                          ? 
_refine.pdbx_ls_sigma_F                          2.15 
_refine.pdbx_ls_sigma_Fsqd                       ? 
_refine.pdbx_data_cutoff_high_absF               ? 
_refine.pdbx_data_cutoff_high_rms_absF           ? 
_refine.pdbx_data_cutoff_low_absF                ? 
_refine.pdbx_isotropic_thermal_model             ? 
_refine.pdbx_ls_cross_valid_method               'FREE R-VALUE' 
_refine.pdbx_method_to_determine_struct          'AB INITIO PHASING' 
_refine.pdbx_starting_model                      ? 
_refine.pdbx_stereochemistry_target_values       ML 
_refine.pdbx_R_Free_selection_details            ? 
_refine.pdbx_stereochem_target_val_spec_case     ? 
_refine.pdbx_overall_ESU_R                       ? 
_refine.pdbx_overall_ESU_R_Free                  ? 
_refine.pdbx_solvent_vdw_probe_radii             1.11 
_refine.pdbx_solvent_ion_probe_radii             ? 
_refine.pdbx_solvent_shrinkage_radii             0.90 
_refine.pdbx_real_space_R                        ? 
_refine.pdbx_density_correlation                 ? 
_refine.pdbx_pd_number_of_powder_patterns        ? 
_refine.pdbx_pd_number_of_points                 ? 
_refine.pdbx_pd_meas_number_of_points            ? 
_refine.pdbx_pd_proc_ls_prof_R_factor            ? 
_refine.pdbx_pd_proc_ls_prof_wR_factor           ? 
_refine.pdbx_pd_Marquardt_correlation_coeff      ? 
_refine.pdbx_pd_Fsqrd_R_factor                   ? 
_refine.pdbx_pd_ls_matrix_band_width             ? 
_refine.pdbx_overall_phase_error                 24.33 
_refine.pdbx_overall_SU_R_free_Cruickshank_DPI   ? 
_refine.pdbx_overall_SU_R_free_Blow_DPI          ? 
_refine.pdbx_overall_SU_R_Blow_DPI               ? 
_refine.pdbx_TLS_residual_ADP_flag               ? 
_refine.pdbx_diffrn_id                           1 
_refine.overall_SU_B                             ? 
_refine.overall_SU_ML                            0.17 
_refine.overall_SU_R_Cruickshank_DPI             ? 
_refine.overall_SU_R_free                        ? 
_refine.overall_FOM_free_R_set                   ? 
_refine.overall_FOM_work_R_set                   ? 
_refine.pdbx_average_fsc_overall                 ? 
_refine.pdbx_average_fsc_work                    ? 
_refine.pdbx_average_fsc_free                    ? 
# 
_refine_hist.pdbx_refine_id                   'X-RAY DIFFRACTION' 
_refine_hist.cycle_id                         LAST 
_refine_hist.pdbx_number_atoms_protein        386 
_refine_hist.pdbx_number_atoms_nucleic_acid   0 
_refine_hist.pdbx_number_atoms_ligand         0 
_refine_hist.number_atoms_solvent             0 
_refine_hist.number_atoms_total               386 
_refine_hist.d_res_high                       2.70 
_refine_hist.d_res_low                        42.73 
# 
loop_
_refine_ls_restr.pdbx_refine_id 
_refine_ls_restr.criterion 
_refine_ls_restr.dev_ideal 
_refine_ls_restr.dev_ideal_target 
_refine_ls_restr.number 
_refine_ls_restr.rejects 
_refine_ls_restr.type 
_refine_ls_restr.weight 
_refine_ls_restr.pdbx_restraint_function 
'X-RAY DIFFRACTION' ? 0.009 ? ?  ? f_bond_d           ? ? 
'X-RAY DIFFRACTION' ? 1.064 ? ?  ? f_angle_d          ? ? 
'X-RAY DIFFRACTION' ? 4.604 ? 52 ? f_dihedral_angle_d ? ? 
'X-RAY DIFFRACTION' ? 0.047 ? 57 ? f_chiral_restr     ? ? 
'X-RAY DIFFRACTION' ? 0.007 ? 69 ? f_plane_restr      ? ? 
# 
_refine_ls_shell.pdbx_refine_id                   'X-RAY DIFFRACTION' 
_refine_ls_shell.d_res_high                       2.70 
_refine_ls_shell.d_res_low                        42.73 
_refine_ls_shell.number_reflns_all                ? 
_refine_ls_shell.number_reflns_obs                ? 
_refine_ls_shell.number_reflns_R_free             121 
_refine_ls_shell.number_reflns_R_work             2396 
_refine_ls_shell.percent_reflns_obs               100.00 
_refine_ls_shell.percent_reflns_R_free            ? 
_refine_ls_shell.R_factor_all                     ? 
_refine_ls_shell.R_factor_obs                     ? 
_refine_ls_shell.R_factor_R_free_error            ? 
_refine_ls_shell.R_factor_R_work                  0.2453 
_refine_ls_shell.redundancy_reflns_all            ? 
_refine_ls_shell.redundancy_reflns_obs            ? 
_refine_ls_shell.wR_factor_all                    ? 
_refine_ls_shell.wR_factor_obs                    ? 
_refine_ls_shell.wR_factor_R_free                 ? 
_refine_ls_shell.wR_factor_R_work                 ? 
_refine_ls_shell.pdbx_R_complete                  ? 
_refine_ls_shell.pdbx_total_number_of_bins_used   ? 
_refine_ls_shell.pdbx_phase_error                 ? 
_refine_ls_shell.pdbx_fsc_work                    ? 
_refine_ls_shell.pdbx_fsc_free                    ? 
_refine_ls_shell.R_factor_R_free                  0.2649 
# 
_struct.entry_id                     9EVR 
_struct.title                        
'Crystal structure of the kinetoplastid kinetochore protein KKT23 N-terminal domain from Trypanosoma brucei' 
_struct.pdbx_model_details           ? 
_struct.pdbx_formula_weight          ? 
_struct.pdbx_formula_weight_method   ? 
_struct.pdbx_model_type_details      ? 
_struct.pdbx_CASP_flag               N 
# 
_struct_keywords.entry_id        9EVR 
_struct_keywords.text            'kinetochore, kinetoplastid, histone, acetyltransferase, mitosis, CELL CYCLE' 
_struct_keywords.pdbx_keywords   'CELL CYCLE' 
# 
_struct_asym.id                            A 
_struct_asym.pdbx_blank_PDB_chainid_flag   N 
_struct_asym.pdbx_modified                 N 
_struct_asym.entity_id                     1 
_struct_asym.details                       ? 
# 
_struct_ref.id                         1 
_struct_ref.db_name                    UNP 
_struct_ref.db_code                    Q38AU6_TRYB2 
_struct_ref.pdbx_db_accession          Q38AU6 
_struct_ref.pdbx_db_isoform            ? 
_struct_ref.entity_id                  1 
_struct_ref.pdbx_seq_one_letter_code   LLSDEHLALLAKYYATVEFTGEQKDALIEKYWEANEAERKAIARAYASLFANDADFIQRLLAHYDMHVS 
_struct_ref.pdbx_align_begin           2 
# 
_struct_ref_seq.align_id                      1 
_struct_ref_seq.ref_id                        1 
_struct_ref_seq.pdbx_PDB_id_code              9EVR 
_struct_ref_seq.pdbx_strand_id                A 
_struct_ref_seq.seq_align_beg                 3 
_struct_ref_seq.pdbx_seq_align_beg_ins_code   ? 
_struct_ref_seq.seq_align_end                 71 
_struct_ref_seq.pdbx_seq_align_end_ins_code   ? 
_struct_ref_seq.pdbx_db_accession             Q38AU6 
_struct_ref_seq.db_align_beg                  2 
_struct_ref_seq.pdbx_db_align_beg_ins_code    ? 
_struct_ref_seq.db_align_end                  70 
_struct_ref_seq.pdbx_db_align_end_ins_code    ? 
_struct_ref_seq.pdbx_auth_seq_align_beg       2 
_struct_ref_seq.pdbx_auth_seq_align_end       70 
# 
loop_
_struct_ref_seq_dif.align_id 
_struct_ref_seq_dif.pdbx_pdb_id_code 
_struct_ref_seq_dif.mon_id 
_struct_ref_seq_dif.pdbx_pdb_strand_id 
_struct_ref_seq_dif.seq_num 
_struct_ref_seq_dif.pdbx_pdb_ins_code 
_struct_ref_seq_dif.pdbx_seq_db_name 
_struct_ref_seq_dif.pdbx_seq_db_accession_code 
_struct_ref_seq_dif.db_mon_id 
_struct_ref_seq_dif.pdbx_seq_db_seq_num 
_struct_ref_seq_dif.details 
_struct_ref_seq_dif.pdbx_auth_seq_num 
_struct_ref_seq_dif.pdbx_ordinal 
1 9EVR GLY A 1 ? UNP Q38AU6 ? ? 'expression tag' 0 1 
1 9EVR SER A 2 ? UNP Q38AU6 ? ? 'expression tag' 1 2 
# 
_pdbx_struct_assembly.id                   1 
_pdbx_struct_assembly.details              author_defined_assembly 
_pdbx_struct_assembly.method_details       ? 
_pdbx_struct_assembly.oligomeric_details   monomeric 
_pdbx_struct_assembly.oligomeric_count     1 
# 
_pdbx_struct_assembly_gen.assembly_id       1 
_pdbx_struct_assembly_gen.oper_expression   1 
_pdbx_struct_assembly_gen.asym_id_list      A 
# 
_pdbx_struct_assembly_auth_evidence.id                     1 
_pdbx_struct_assembly_auth_evidence.assembly_id            1 
_pdbx_struct_assembly_auth_evidence.experimental_support   'gel filtration' 
_pdbx_struct_assembly_auth_evidence.details                SEC-MALS 
# 
_pdbx_struct_oper_list.id                   1 
_pdbx_struct_oper_list.type                 'identity operation' 
_pdbx_struct_oper_list.name                 1_555 
_pdbx_struct_oper_list.symmetry_operation   x,y,z 
_pdbx_struct_oper_list.matrix[1][1]         1.0000000000 
_pdbx_struct_oper_list.matrix[1][2]         0.0000000000 
_pdbx_struct_oper_list.matrix[1][3]         0.0000000000 
_pdbx_struct_oper_list.vector[1]            0.0000000000 
_pdbx_struct_oper_list.matrix[2][1]         0.0000000000 
_pdbx_struct_oper_list.matrix[2][2]         1.0000000000 
_pdbx_struct_oper_list.matrix[2][3]         0.0000000000 
_pdbx_struct_oper_list.vector[2]            0.0000000000 
_pdbx_struct_oper_list.matrix[3][1]         0.0000000000 
_pdbx_struct_oper_list.matrix[3][2]         0.0000000000 
_pdbx_struct_oper_list.matrix[3][3]         1.0000000000 
_pdbx_struct_oper_list.vector[3]            0.0000000000 
# 
loop_
_struct_conf.conf_type_id 
_struct_conf.id 
_struct_conf.pdbx_PDB_helix_id 
_struct_conf.beg_label_comp_id 
_struct_conf.beg_label_asym_id 
_struct_conf.beg_label_seq_id 
_struct_conf.pdbx_beg_PDB_ins_code 
_struct_conf.end_label_comp_id 
_struct_conf.end_label_asym_id 
_struct_conf.end_label_seq_id 
_struct_conf.pdbx_end_PDB_ins_code 
_struct_conf.beg_auth_comp_id 
_struct_conf.beg_auth_asym_id 
_struct_conf.beg_auth_seq_id 
_struct_conf.end_auth_comp_id 
_struct_conf.end_auth_asym_id 
_struct_conf.end_auth_seq_id 
_struct_conf.pdbx_PDB_helix_class 
_struct_conf.details 
_struct_conf.pdbx_PDB_helix_length 
HELX_P HELX_P1 AA1 THR A 22 ? ALA A 36 ? THR A 21 ALA A 35 1 ? 15 
HELX_P HELX_P2 AA2 ASN A 37 ? PHE A 52 ? ASN A 36 PHE A 51 1 ? 16 
HELX_P HELX_P3 AA3 ASP A 55 ? HIS A 65 ? ASP A 54 HIS A 64 1 ? 11 
# 
_struct_conf_type.id          HELX_P 
_struct_conf_type.criteria    ? 
_struct_conf_type.reference   ? 
# 
_pdbx_entry_details.entry_id                   9EVR 
_pdbx_entry_details.compound_details           ? 
_pdbx_entry_details.source_details             ? 
_pdbx_entry_details.nonpolymer_details         ? 
_pdbx_entry_details.sequence_details           ? 
_pdbx_entry_details.has_ligand_of_interest     ? 
_pdbx_entry_details.has_protein_modification   N 
# 
_pdbx_validate_torsion.id              1 
_pdbx_validate_torsion.PDB_model_num   1 
_pdbx_validate_torsion.auth_comp_id    ASN 
_pdbx_validate_torsion.auth_asym_id    A 
_pdbx_validate_torsion.auth_seq_id     53 
_pdbx_validate_torsion.PDB_ins_code    ? 
_pdbx_validate_torsion.label_alt_id    ? 
_pdbx_validate_torsion.phi             -98.06 
_pdbx_validate_torsion.psi             56.61 
# 
_pdbx_refine_tls.id               1 
_pdbx_refine_tls.pdbx_refine_id   'X-RAY DIFFRACTION' 
_pdbx_refine_tls.details          ? 
_pdbx_refine_tls.method           refined 
_pdbx_refine_tls.origin_x         0.4460 
_pdbx_refine_tls.origin_y         -0.1528 
_pdbx_refine_tls.origin_z         -0.1292 
_pdbx_refine_tls.T[1][1]          0.5264 
_pdbx_refine_tls.T[1][1]_esd      ? 
_pdbx_refine_tls.T[1][2]          -0.0207 
_pdbx_refine_tls.T[1][2]_esd      ? 
_pdbx_refine_tls.T[1][3]          0.0944 
_pdbx_refine_tls.T[1][3]_esd      ? 
_pdbx_refine_tls.T[2][2]          0.3893 
_pdbx_refine_tls.T[2][2]_esd      ? 
_pdbx_refine_tls.T[2][3]          -0.0048 
_pdbx_refine_tls.T[2][3]_esd      ? 
_pdbx_refine_tls.T[3][3]          0.5190 
_pdbx_refine_tls.T[3][3]_esd      ? 
_pdbx_refine_tls.L[1][1]          0.0185 
_pdbx_refine_tls.L[1][1]_esd      ? 
_pdbx_refine_tls.L[1][2]          0.0003 
_pdbx_refine_tls.L[1][2]_esd      ? 
_pdbx_refine_tls.L[1][3]          -0.0046 
_pdbx_refine_tls.L[1][3]_esd      ? 
_pdbx_refine_tls.L[2][2]          0.0246 
_pdbx_refine_tls.L[2][2]_esd      ? 
_pdbx_refine_tls.L[2][3]          0.0127 
_pdbx_refine_tls.L[2][3]_esd      ? 
_pdbx_refine_tls.L[3][3]          0.1697 
_pdbx_refine_tls.L[3][3]_esd      ? 
_pdbx_refine_tls.S[1][1]          0.2732 
_pdbx_refine_tls.S[1][1]_esd      ? 
_pdbx_refine_tls.S[1][2]          -0.0061 
_pdbx_refine_tls.S[1][2]_esd      ? 
_pdbx_refine_tls.S[1][3]          -0.1578 
_pdbx_refine_tls.S[1][3]_esd      ? 
_pdbx_refine_tls.S[2][1]          0.0673 
_pdbx_refine_tls.S[2][1]_esd      ? 
_pdbx_refine_tls.S[2][2]          0.1329 
_pdbx_refine_tls.S[2][2]_esd      ? 
_pdbx_refine_tls.S[2][3]          -0.1588 
_pdbx_refine_tls.S[2][3]_esd      ? 
_pdbx_refine_tls.S[3][1]          0.1906 
_pdbx_refine_tls.S[3][1]_esd      ? 
_pdbx_refine_tls.S[3][2]          0.5180 
_pdbx_refine_tls.S[3][2]_esd      ? 
_pdbx_refine_tls.S[3][3]          0.1527 
_pdbx_refine_tls.S[3][3]_esd      ? 
# 
_pdbx_refine_tls_group.id                  1 
_pdbx_refine_tls_group.pdbx_refine_id      'X-RAY DIFFRACTION' 
_pdbx_refine_tls_group.refine_tls_id       1 
_pdbx_refine_tls_group.beg_label_asym_id   ? 
_pdbx_refine_tls_group.beg_label_seq_id    ? 
_pdbx_refine_tls_group.beg_auth_asym_id    ? 
_pdbx_refine_tls_group.beg_auth_seq_id     ? 
_pdbx_refine_tls_group.beg_PDB_ins_code    ? 
_pdbx_refine_tls_group.end_label_asym_id   ? 
_pdbx_refine_tls_group.end_label_seq_id    ? 
_pdbx_refine_tls_group.end_auth_asym_id    ? 
_pdbx_refine_tls_group.end_auth_seq_id     ? 
_pdbx_refine_tls_group.end_PDB_ins_code    ? 
_pdbx_refine_tls_group.selection           ? 
_pdbx_refine_tls_group.selection_details   
;(chain 'A' and resid 17 through 64)
;
# 
loop_
_pdbx_unobs_or_zero_occ_residues.id 
_pdbx_unobs_or_zero_occ_residues.PDB_model_num 
_pdbx_unobs_or_zero_occ_residues.polymer_flag 
_pdbx_unobs_or_zero_occ_residues.occupancy_flag 
_pdbx_unobs_or_zero_occ_residues.auth_asym_id 
_pdbx_unobs_or_zero_occ_residues.auth_comp_id 
_pdbx_unobs_or_zero_occ_residues.auth_seq_id 
_pdbx_unobs_or_zero_occ_residues.PDB_ins_code 
_pdbx_unobs_or_zero_occ_residues.label_asym_id 
_pdbx_unobs_or_zero_occ_residues.label_comp_id 
_pdbx_unobs_or_zero_occ_residues.label_seq_id 
1  1 Y 1 A GLY 0  ? A GLY 1  
2  1 Y 1 A SER 1  ? A SER 2  
3  1 Y 1 A LEU 2  ? A LEU 3  
4  1 Y 1 A LEU 3  ? A LEU 4  
5  1 Y 1 A SER 4  ? A SER 5  
6  1 Y 1 A ASP 5  ? A ASP 6  
7  1 Y 1 A GLU 6  ? A GLU 7  
8  1 Y 1 A HIS 7  ? A HIS 8  
9  1 Y 1 A LEU 8  ? A LEU 9  
10 1 Y 1 A ALA 9  ? A ALA 10 
11 1 Y 1 A LEU 10 ? A LEU 11 
12 1 Y 1 A LEU 11 ? A LEU 12 
13 1 Y 1 A ALA 12 ? A ALA 13 
14 1 Y 1 A LYS 13 ? A LYS 14 
15 1 Y 1 A TYR 14 ? A TYR 15 
16 1 Y 1 A TYR 15 ? A TYR 16 
17 1 Y 1 A ALA 16 ? A ALA 17 
18 1 Y 1 A TYR 65 ? A TYR 66 
19 1 Y 1 A ASP 66 ? A ASP 67 
20 1 Y 1 A MET 67 ? A MET 68 
21 1 Y 1 A HIS 68 ? A HIS 69 
22 1 Y 1 A VAL 69 ? A VAL 70 
23 1 Y 1 A SER 70 ? A SER 71 
# 
loop_
_chem_comp_atom.comp_id 
_chem_comp_atom.atom_id 
_chem_comp_atom.type_symbol 
_chem_comp_atom.pdbx_aromatic_flag 
_chem_comp_atom.pdbx_stereo_config 
_chem_comp_atom.pdbx_ordinal 
ALA N    N N N 1   
ALA CA   C N S 2   
ALA C    C N N 3   
ALA O    O N N 4   
ALA CB   C N N 5   
ALA OXT  O N N 6   
ALA H    H N N 7   
ALA H2   H N N 8   
ALA HA   H N N 9   
ALA HB1  H N N 10  
ALA HB2  H N N 11  
ALA HB3  H N N 12  
ALA HXT  H N N 13  
ARG N    N N N 14  
ARG CA   C N S 15  
ARG C    C N N 16  
ARG O    O N N 17  
ARG CB   C N N 18  
ARG CG   C N N 19  
ARG CD   C N N 20  
ARG NE   N N N 21  
ARG CZ   C N N 22  
ARG NH1  N N N 23  
ARG NH2  N N N 24  
ARG OXT  O N N 25  
ARG H    H N N 26  
ARG H2   H N N 27  
ARG HA   H N N 28  
ARG HB2  H N N 29  
ARG HB3  H N N 30  
ARG HG2  H N N 31  
ARG HG3  H N N 32  
ARG HD2  H N N 33  
ARG HD3  H N N 34  
ARG HE   H N N 35  
ARG HH11 H N N 36  
ARG HH12 H N N 37  
ARG HH21 H N N 38  
ARG HH22 H N N 39  
ARG HXT  H N N 40  
ASN N    N N N 41  
ASN CA   C N S 42  
ASN C    C N N 43  
ASN O    O N N 44  
ASN CB   C N N 45  
ASN CG   C N N 46  
ASN OD1  O N N 47  
ASN ND2  N N N 48  
ASN OXT  O N N 49  
ASN H    H N N 50  
ASN H2   H N N 51  
ASN HA   H N N 52  
ASN HB2  H N N 53  
ASN HB3  H N N 54  
ASN HD21 H N N 55  
ASN HD22 H N N 56  
ASN HXT  H N N 57  
ASP N    N N N 58  
ASP CA   C N S 59  
ASP C    C N N 60  
ASP O    O N N 61  
ASP CB   C N N 62  
ASP CG   C N N 63  
ASP OD1  O N N 64  
ASP OD2  O N N 65  
ASP OXT  O N N 66  
ASP H    H N N 67  
ASP H2   H N N 68  
ASP HA   H N N 69  
ASP HB2  H N N 70  
ASP HB3  H N N 71  
ASP HD2  H N N 72  
ASP HXT  H N N 73  
GLN N    N N N 74  
GLN CA   C N S 75  
GLN C    C N N 76  
GLN O    O N N 77  
GLN CB   C N N 78  
GLN CG   C N N 79  
GLN CD   C N N 80  
GLN OE1  O N N 81  
GLN NE2  N N N 82  
GLN OXT  O N N 83  
GLN H    H N N 84  
GLN H2   H N N 85  
GLN HA   H N N 86  
GLN HB2  H N N 87  
GLN HB3  H N N 88  
GLN HG2  H N N 89  
GLN HG3  H N N 90  
GLN HE21 H N N 91  
GLN HE22 H N N 92  
GLN HXT  H N N 93  
GLU N    N N N 94  
GLU CA   C N S 95  
GLU C    C N N 96  
GLU O    O N N 97  
GLU CB   C N N 98  
GLU CG   C N N 99  
GLU CD   C N N 100 
GLU OE1  O N N 101 
GLU OE2  O N N 102 
GLU OXT  O N N 103 
GLU H    H N N 104 
GLU H2   H N N 105 
GLU HA   H N N 106 
GLU HB2  H N N 107 
GLU HB3  H N N 108 
GLU HG2  H N N 109 
GLU HG3  H N N 110 
GLU HE2  H N N 111 
GLU HXT  H N N 112 
GLY N    N N N 113 
GLY CA   C N N 114 
GLY C    C N N 115 
GLY O    O N N 116 
GLY OXT  O N N 117 
GLY H    H N N 118 
GLY H2   H N N 119 
GLY HA2  H N N 120 
GLY HA3  H N N 121 
GLY HXT  H N N 122 
HIS N    N N N 123 
HIS CA   C N S 124 
HIS C    C N N 125 
HIS O    O N N 126 
HIS CB   C N N 127 
HIS CG   C Y N 128 
HIS ND1  N Y N 129 
HIS CD2  C Y N 130 
HIS CE1  C Y N 131 
HIS NE2  N Y N 132 
HIS OXT  O N N 133 
HIS H    H N N 134 
HIS H2   H N N 135 
HIS HA   H N N 136 
HIS HB2  H N N 137 
HIS HB3  H N N 138 
HIS HD1  H N N 139 
HIS HD2  H N N 140 
HIS HE1  H N N 141 
HIS HE2  H N N 142 
HIS HXT  H N N 143 
ILE N    N N N 144 
ILE CA   C N S 145 
ILE C    C N N 146 
ILE O    O N N 147 
ILE CB   C N S 148 
ILE CG1  C N N 149 
ILE CG2  C N N 150 
ILE CD1  C N N 151 
ILE OXT  O N N 152 
ILE H    H N N 153 
ILE H2   H N N 154 
ILE HA   H N N 155 
ILE HB   H N N 156 
ILE HG12 H N N 157 
ILE HG13 H N N 158 
ILE HG21 H N N 159 
ILE HG22 H N N 160 
ILE HG23 H N N 161 
ILE HD11 H N N 162 
ILE HD12 H N N 163 
ILE HD13 H N N 164 
ILE HXT  H N N 165 
LEU N    N N N 166 
LEU CA   C N S 167 
LEU C    C N N 168 
LEU O    O N N 169 
LEU CB   C N N 170 
LEU CG   C N N 171 
LEU CD1  C N N 172 
LEU CD2  C N N 173 
LEU OXT  O N N 174 
LEU H    H N N 175 
LEU H2   H N N 176 
LEU HA   H N N 177 
LEU HB2  H N N 178 
LEU HB3  H N N 179 
LEU HG   H N N 180 
LEU HD11 H N N 181 
LEU HD12 H N N 182 
LEU HD13 H N N 183 
LEU HD21 H N N 184 
LEU HD22 H N N 185 
LEU HD23 H N N 186 
LEU HXT  H N N 187 
LYS N    N N N 188 
LYS CA   C N S 189 
LYS C    C N N 190 
LYS O    O N N 191 
LYS CB   C N N 192 
LYS CG   C N N 193 
LYS CD   C N N 194 
LYS CE   C N N 195 
LYS NZ   N N N 196 
LYS OXT  O N N 197 
LYS H    H N N 198 
LYS H2   H N N 199 
LYS HA   H N N 200 
LYS HB2  H N N 201 
LYS HB3  H N N 202 
LYS HG2  H N N 203 
LYS HG3  H N N 204 
LYS HD2  H N N 205 
LYS HD3  H N N 206 
LYS HE2  H N N 207 
LYS HE3  H N N 208 
LYS HZ1  H N N 209 
LYS HZ2  H N N 210 
LYS HZ3  H N N 211 
LYS HXT  H N N 212 
MET N    N N N 213 
MET CA   C N S 214 
MET C    C N N 215 
MET O    O N N 216 
MET CB   C N N 217 
MET CG   C N N 218 
MET SD   S N N 219 
MET CE   C N N 220 
MET OXT  O N N 221 
MET H    H N N 222 
MET H2   H N N 223 
MET HA   H N N 224 
MET HB2  H N N 225 
MET HB3  H N N 226 
MET HG2  H N N 227 
MET HG3  H N N 228 
MET HE1  H N N 229 
MET HE2  H N N 230 
MET HE3  H N N 231 
MET HXT  H N N 232 
PHE N    N N N 233 
PHE CA   C N S 234 
PHE C    C N N 235 
PHE O    O N N 236 
PHE CB   C N N 237 
PHE CG   C Y N 238 
PHE CD1  C Y N 239 
PHE CD2  C Y N 240 
PHE CE1  C Y N 241 
PHE CE2  C Y N 242 
PHE CZ   C Y N 243 
PHE OXT  O N N 244 
PHE H    H N N 245 
PHE H2   H N N 246 
PHE HA   H N N 247 
PHE HB2  H N N 248 
PHE HB3  H N N 249 
PHE HD1  H N N 250 
PHE HD2  H N N 251 
PHE HE1  H N N 252 
PHE HE2  H N N 253 
PHE HZ   H N N 254 
PHE HXT  H N N 255 
SER N    N N N 256 
SER CA   C N S 257 
SER C    C N N 258 
SER O    O N N 259 
SER CB   C N N 260 
SER OG   O N N 261 
SER OXT  O N N 262 
SER H    H N N 263 
SER H2   H N N 264 
SER HA   H N N 265 
SER HB2  H N N 266 
SER HB3  H N N 267 
SER HG   H N N 268 
SER HXT  H N N 269 
THR N    N N N 270 
THR CA   C N S 271 
THR C    C N N 272 
THR O    O N N 273 
THR CB   C N R 274 
THR OG1  O N N 275 
THR CG2  C N N 276 
THR OXT  O N N 277 
THR H    H N N 278 
THR H2   H N N 279 
THR HA   H N N 280 
THR HB   H N N 281 
THR HG1  H N N 282 
THR HG21 H N N 283 
THR HG22 H N N 284 
THR HG23 H N N 285 
THR HXT  H N N 286 
TRP N    N N N 287 
TRP CA   C N S 288 
TRP C    C N N 289 
TRP O    O N N 290 
TRP CB   C N N 291 
TRP CG   C Y N 292 
TRP CD1  C Y N 293 
TRP CD2  C Y N 294 
TRP NE1  N Y N 295 
TRP CE2  C Y N 296 
TRP CE3  C Y N 297 
TRP CZ2  C Y N 298 
TRP CZ3  C Y N 299 
TRP CH2  C Y N 300 
TRP OXT  O N N 301 
TRP H    H N N 302 
TRP H2   H N N 303 
TRP HA   H N N 304 
TRP HB2  H N N 305 
TRP HB3  H N N 306 
TRP HD1  H N N 307 
TRP HE1  H N N 308 
TRP HE3  H N N 309 
TRP HZ2  H N N 310 
TRP HZ3  H N N 311 
TRP HH2  H N N 312 
TRP HXT  H N N 313 
TYR N    N N N 314 
TYR CA   C N S 315 
TYR C    C N N 316 
TYR O    O N N 317 
TYR CB   C N N 318 
TYR CG   C Y N 319 
TYR CD1  C Y N 320 
TYR CD2  C Y N 321 
TYR CE1  C Y N 322 
TYR CE2  C Y N 323 
TYR CZ   C Y N 324 
TYR OH   O N N 325 
TYR OXT  O N N 326 
TYR H    H N N 327 
TYR H2   H N N 328 
TYR HA   H N N 329 
TYR HB2  H N N 330 
TYR HB3  H N N 331 
TYR HD1  H N N 332 
TYR HD2  H N N 333 
TYR HE1  H N N 334 
TYR HE2  H N N 335 
TYR HH   H N N 336 
TYR HXT  H N N 337 
VAL N    N N N 338 
VAL CA   C N S 339 
VAL C    C N N 340 
VAL O    O N N 341 
VAL CB   C N N 342 
VAL CG1  C N N 343 
VAL CG2  C N N 344 
VAL OXT  O N N 345 
VAL H    H N N 346 
VAL H2   H N N 347 
VAL HA   H N N 348 
VAL HB   H N N 349 
VAL HG11 H N N 350 
VAL HG12 H N N 351 
VAL HG13 H N N 352 
VAL HG21 H N N 353 
VAL HG22 H N N 354 
VAL HG23 H N N 355 
VAL HXT  H N N 356 
# 
loop_
_chem_comp_bond.comp_id 
_chem_comp_bond.atom_id_1 
_chem_comp_bond.atom_id_2 
_chem_comp_bond.value_order 
_chem_comp_bond.pdbx_aromatic_flag 
_chem_comp_bond.pdbx_stereo_config 
_chem_comp_bond.pdbx_ordinal 
ALA N   CA   sing N N 1   
ALA N   H    sing N N 2   
ALA N   H2   sing N N 3   
ALA CA  C    sing N N 4   
ALA CA  CB   sing N N 5   
ALA CA  HA   sing N N 6   
ALA C   O    doub N N 7   
ALA C   OXT  sing N N 8   
ALA CB  HB1  sing N N 9   
ALA CB  HB2  sing N N 10  
ALA CB  HB3  sing N N 11  
ALA OXT HXT  sing N N 12  
ARG N   CA   sing N N 13  
ARG N   H    sing N N 14  
ARG N   H2   sing N N 15  
ARG CA  C    sing N N 16  
ARG CA  CB   sing N N 17  
ARG CA  HA   sing N N 18  
ARG C   O    doub N N 19  
ARG C   OXT  sing N N 20  
ARG CB  CG   sing N N 21  
ARG CB  HB2  sing N N 22  
ARG CB  HB3  sing N N 23  
ARG CG  CD   sing N N 24  
ARG CG  HG2  sing N N 25  
ARG CG  HG3  sing N N 26  
ARG CD  NE   sing N N 27  
ARG CD  HD2  sing N N 28  
ARG CD  HD3  sing N N 29  
ARG NE  CZ   sing N N 30  
ARG NE  HE   sing N N 31  
ARG CZ  NH1  sing N N 32  
ARG CZ  NH2  doub N N 33  
ARG NH1 HH11 sing N N 34  
ARG NH1 HH12 sing N N 35  
ARG NH2 HH21 sing N N 36  
ARG NH2 HH22 sing N N 37  
ARG OXT HXT  sing N N 38  
ASN N   CA   sing N N 39  
ASN N   H    sing N N 40  
ASN N   H2   sing N N 41  
ASN CA  C    sing N N 42  
ASN CA  CB   sing N N 43  
ASN CA  HA   sing N N 44  
ASN C   O    doub N N 45  
ASN C   OXT  sing N N 46  
ASN CB  CG   sing N N 47  
ASN CB  HB2  sing N N 48  
ASN CB  HB3  sing N N 49  
ASN CG  OD1  doub N N 50  
ASN CG  ND2  sing N N 51  
ASN ND2 HD21 sing N N 52  
ASN ND2 HD22 sing N N 53  
ASN OXT HXT  sing N N 54  
ASP N   CA   sing N N 55  
ASP N   H    sing N N 56  
ASP N   H2   sing N N 57  
ASP CA  C    sing N N 58  
ASP CA  CB   sing N N 59  
ASP CA  HA   sing N N 60  
ASP C   O    doub N N 61  
ASP C   OXT  sing N N 62  
ASP CB  CG   sing N N 63  
ASP CB  HB2  sing N N 64  
ASP CB  HB3  sing N N 65  
ASP CG  OD1  doub N N 66  
ASP CG  OD2  sing N N 67  
ASP OD2 HD2  sing N N 68  
ASP OXT HXT  sing N N 69  
GLN N   CA   sing N N 70  
GLN N   H    sing N N 71  
GLN N   H2   sing N N 72  
GLN CA  C    sing N N 73  
GLN CA  CB   sing N N 74  
GLN CA  HA   sing N N 75  
GLN C   O    doub N N 76  
GLN C   OXT  sing N N 77  
GLN CB  CG   sing N N 78  
GLN CB  HB2  sing N N 79  
GLN CB  HB3  sing N N 80  
GLN CG  CD   sing N N 81  
GLN CG  HG2  sing N N 82  
GLN CG  HG3  sing N N 83  
GLN CD  OE1  doub N N 84  
GLN CD  NE2  sing N N 85  
GLN NE2 HE21 sing N N 86  
GLN NE2 HE22 sing N N 87  
GLN OXT HXT  sing N N 88  
GLU N   CA   sing N N 89  
GLU N   H    sing N N 90  
GLU N   H2   sing N N 91  
GLU CA  C    sing N N 92  
GLU CA  CB   sing N N 93  
GLU CA  HA   sing N N 94  
GLU C   O    doub N N 95  
GLU C   OXT  sing N N 96  
GLU CB  CG   sing N N 97  
GLU CB  HB2  sing N N 98  
GLU CB  HB3  sing N N 99  
GLU CG  CD   sing N N 100 
GLU CG  HG2  sing N N 101 
GLU CG  HG3  sing N N 102 
GLU CD  OE1  doub N N 103 
GLU CD  OE2  sing N N 104 
GLU OE2 HE2  sing N N 105 
GLU OXT HXT  sing N N 106 
GLY N   CA   sing N N 107 
GLY N   H    sing N N 108 
GLY N   H2   sing N N 109 
GLY CA  C    sing N N 110 
GLY CA  HA2  sing N N 111 
GLY CA  HA3  sing N N 112 
GLY C   O    doub N N 113 
GLY C   OXT  sing N N 114 
GLY OXT HXT  sing N N 115 
HIS N   CA   sing N N 116 
HIS N   H    sing N N 117 
HIS N   H2   sing N N 118 
HIS CA  C    sing N N 119 
HIS CA  CB   sing N N 120 
HIS CA  HA   sing N N 121 
HIS C   O    doub N N 122 
HIS C   OXT  sing N N 123 
HIS CB  CG   sing N N 124 
HIS CB  HB2  sing N N 125 
HIS CB  HB3  sing N N 126 
HIS CG  ND1  sing Y N 127 
HIS CG  CD2  doub Y N 128 
HIS ND1 CE1  doub Y N 129 
HIS ND1 HD1  sing N N 130 
HIS CD2 NE2  sing Y N 131 
HIS CD2 HD2  sing N N 132 
HIS CE1 NE2  sing Y N 133 
HIS CE1 HE1  sing N N 134 
HIS NE2 HE2  sing N N 135 
HIS OXT HXT  sing N N 136 
ILE N   CA   sing N N 137 
ILE N   H    sing N N 138 
ILE N   H2   sing N N 139 
ILE CA  C    sing N N 140 
ILE CA  CB   sing N N 141 
ILE CA  HA   sing N N 142 
ILE C   O    doub N N 143 
ILE C   OXT  sing N N 144 
ILE CB  CG1  sing N N 145 
ILE CB  CG2  sing N N 146 
ILE CB  HB   sing N N 147 
ILE CG1 CD1  sing N N 148 
ILE CG1 HG12 sing N N 149 
ILE CG1 HG13 sing N N 150 
ILE CG2 HG21 sing N N 151 
ILE CG2 HG22 sing N N 152 
ILE CG2 HG23 sing N N 153 
ILE CD1 HD11 sing N N 154 
ILE CD1 HD12 sing N N 155 
ILE CD1 HD13 sing N N 156 
ILE OXT HXT  sing N N 157 
LEU N   CA   sing N N 158 
LEU N   H    sing N N 159 
LEU N   H2   sing N N 160 
LEU CA  C    sing N N 161 
LEU CA  CB   sing N N 162 
LEU CA  HA   sing N N 163 
LEU C   O    doub N N 164 
LEU C   OXT  sing N N 165 
LEU CB  CG   sing N N 166 
LEU CB  HB2  sing N N 167 
LEU CB  HB3  sing N N 168 
LEU CG  CD1  sing N N 169 
LEU CG  CD2  sing N N 170 
LEU CG  HG   sing N N 171 
LEU CD1 HD11 sing N N 172 
LEU CD1 HD12 sing N N 173 
LEU CD1 HD13 sing N N 174 
LEU CD2 HD21 sing N N 175 
LEU CD2 HD22 sing N N 176 
LEU CD2 HD23 sing N N 177 
LEU OXT HXT  sing N N 178 
LYS N   CA   sing N N 179 
LYS N   H    sing N N 180 
LYS N   H2   sing N N 181 
LYS CA  C    sing N N 182 
LYS CA  CB   sing N N 183 
LYS CA  HA   sing N N 184 
LYS C   O    doub N N 185 
LYS C   OXT  sing N N 186 
LYS CB  CG   sing N N 187 
LYS CB  HB2  sing N N 188 
LYS CB  HB3  sing N N 189 
LYS CG  CD   sing N N 190 
LYS CG  HG2  sing N N 191 
LYS CG  HG3  sing N N 192 
LYS CD  CE   sing N N 193 
LYS CD  HD2  sing N N 194 
LYS CD  HD3  sing N N 195 
LYS CE  NZ   sing N N 196 
LYS CE  HE2  sing N N 197 
LYS CE  HE3  sing N N 198 
LYS NZ  HZ1  sing N N 199 
LYS NZ  HZ2  sing N N 200 
LYS NZ  HZ3  sing N N 201 
LYS OXT HXT  sing N N 202 
MET N   CA   sing N N 203 
MET N   H    sing N N 204 
MET N   H2   sing N N 205 
MET CA  C    sing N N 206 
MET CA  CB   sing N N 207 
MET CA  HA   sing N N 208 
MET C   O    doub N N 209 
MET C   OXT  sing N N 210 
MET CB  CG   sing N N 211 
MET CB  HB2  sing N N 212 
MET CB  HB3  sing N N 213 
MET CG  SD   sing N N 214 
MET CG  HG2  sing N N 215 
MET CG  HG3  sing N N 216 
MET SD  CE   sing N N 217 
MET CE  HE1  sing N N 218 
MET CE  HE2  sing N N 219 
MET CE  HE3  sing N N 220 
MET OXT HXT  sing N N 221 
PHE N   CA   sing N N 222 
PHE N   H    sing N N 223 
PHE N   H2   sing N N 224 
PHE CA  C    sing N N 225 
PHE CA  CB   sing N N 226 
PHE CA  HA   sing N N 227 
PHE C   O    doub N N 228 
PHE C   OXT  sing N N 229 
PHE CB  CG   sing N N 230 
PHE CB  HB2  sing N N 231 
PHE CB  HB3  sing N N 232 
PHE CG  CD1  doub Y N 233 
PHE CG  CD2  sing Y N 234 
PHE CD1 CE1  sing Y N 235 
PHE CD1 HD1  sing N N 236 
PHE CD2 CE2  doub Y N 237 
PHE CD2 HD2  sing N N 238 
PHE CE1 CZ   doub Y N 239 
PHE CE1 HE1  sing N N 240 
PHE CE2 CZ   sing Y N 241 
PHE CE2 HE2  sing N N 242 
PHE CZ  HZ   sing N N 243 
PHE OXT HXT  sing N N 244 
SER N   CA   sing N N 245 
SER N   H    sing N N 246 
SER N   H2   sing N N 247 
SER CA  C    sing N N 248 
SER CA  CB   sing N N 249 
SER CA  HA   sing N N 250 
SER C   O    doub N N 251 
SER C   OXT  sing N N 252 
SER CB  OG   sing N N 253 
SER CB  HB2  sing N N 254 
SER CB  HB3  sing N N 255 
SER OG  HG   sing N N 256 
SER OXT HXT  sing N N 257 
THR N   CA   sing N N 258 
THR N   H    sing N N 259 
THR N   H2   sing N N 260 
THR CA  C    sing N N 261 
THR CA  CB   sing N N 262 
THR CA  HA   sing N N 263 
THR C   O    doub N N 264 
THR C   OXT  sing N N 265 
THR CB  OG1  sing N N 266 
THR CB  CG2  sing N N 267 
THR CB  HB   sing N N 268 
THR OG1 HG1  sing N N 269 
THR CG2 HG21 sing N N 270 
THR CG2 HG22 sing N N 271 
THR CG2 HG23 sing N N 272 
THR OXT HXT  sing N N 273 
TRP N   CA   sing N N 274 
TRP N   H    sing N N 275 
TRP N   H2   sing N N 276 
TRP CA  C    sing N N 277 
TRP CA  CB   sing N N 278 
TRP CA  HA   sing N N 279 
TRP C   O    doub N N 280 
TRP C   OXT  sing N N 281 
TRP CB  CG   sing N N 282 
TRP CB  HB2  sing N N 283 
TRP CB  HB3  sing N N 284 
TRP CG  CD1  doub Y N 285 
TRP CG  CD2  sing Y N 286 
TRP CD1 NE1  sing Y N 287 
TRP CD1 HD1  sing N N 288 
TRP CD2 CE2  doub Y N 289 
TRP CD2 CE3  sing Y N 290 
TRP NE1 CE2  sing Y N 291 
TRP NE1 HE1  sing N N 292 
TRP CE2 CZ2  sing Y N 293 
TRP CE3 CZ3  doub Y N 294 
TRP CE3 HE3  sing N N 295 
TRP CZ2 CH2  doub Y N 296 
TRP CZ2 HZ2  sing N N 297 
TRP CZ3 CH2  sing Y N 298 
TRP CZ3 HZ3  sing N N 299 
TRP CH2 HH2  sing N N 300 
TRP OXT HXT  sing N N 301 
TYR N   CA   sing N N 302 
TYR N   H    sing N N 303 
TYR N   H2   sing N N 304 
TYR CA  C    sing N N 305 
TYR CA  CB   sing N N 306 
TYR CA  HA   sing N N 307 
TYR C   O    doub N N 308 
TYR C   OXT  sing N N 309 
TYR CB  CG   sing N N 310 
TYR CB  HB2  sing N N 311 
TYR CB  HB3  sing N N 312 
TYR CG  CD1  doub Y N 313 
TYR CG  CD2  sing Y N 314 
TYR CD1 CE1  sing Y N 315 
TYR CD1 HD1  sing N N 316 
TYR CD2 CE2  doub Y N 317 
TYR CD2 HD2  sing N N 318 
TYR CE1 CZ   doub Y N 319 
TYR CE1 HE1  sing N N 320 
TYR CE2 CZ   sing Y N 321 
TYR CE2 HE2  sing N N 322 
TYR CZ  OH   sing N N 323 
TYR OH  HH   sing N N 324 
TYR OXT HXT  sing N N 325 
VAL N   CA   sing N N 326 
VAL N   H    sing N N 327 
VAL N   H2   sing N N 328 
VAL CA  C    sing N N 329 
VAL CA  CB   sing N N 330 
VAL CA  HA   sing N N 331 
VAL C   O    doub N N 332 
VAL C   OXT  sing N N 333 
VAL CB  CG1  sing N N 334 
VAL CB  CG2  sing N N 335 
VAL CB  HB   sing N N 336 
VAL CG1 HG11 sing N N 337 
VAL CG1 HG12 sing N N 338 
VAL CG1 HG13 sing N N 339 
VAL CG2 HG21 sing N N 340 
VAL CG2 HG22 sing N N 341 
VAL CG2 HG23 sing N N 342 
VAL OXT HXT  sing N N 343 
# 
loop_
_pdbx_audit_support.funding_organization 
_pdbx_audit_support.country 
_pdbx_audit_support.grant_number 
_pdbx_audit_support.ordinal 
'Wellcome Trust'                   'United Kingdom' 210622/Z/18/Z/WT 1 
'Boehringer Ingelheim Fonds (BIF)' Germany          ?                2 
# 
_atom_sites.entry_id                    9EVR 
_atom_sites.Cartn_transf_matrix[1][1]   ? 
_atom_sites.Cartn_transf_matrix[1][2]   ? 
_atom_sites.Cartn_transf_matrix[1][3]   ? 
_atom_sites.Cartn_transf_matrix[2][1]   ? 
_atom_sites.Cartn_transf_matrix[2][2]   ? 
_atom_sites.Cartn_transf_matrix[2][3]   ? 
_atom_sites.Cartn_transf_matrix[3][1]   ? 
_atom_sites.Cartn_transf_matrix[3][2]   ? 
_atom_sites.Cartn_transf_matrix[3][3]   ? 
_atom_sites.Cartn_transf_vector[1]      ? 
_atom_sites.Cartn_transf_vector[2]      ? 
_atom_sites.Cartn_transf_vector[3]      ? 
_atom_sites.Cartn_transform_axes        ? 
_atom_sites.fract_transf_matrix[1][1]   0.01664317 
_atom_sites.fract_transf_matrix[1][2]   0.00494355 
_atom_sites.fract_transf_matrix[1][3]   0.01020316 
_atom_sites.fract_transf_matrix[2][1]   0.01667469 
_atom_sites.fract_transf_matrix[2][2]   -0.01112402 
_atom_sites.fract_transf_matrix[2][3]   -0.00193647 
_atom_sites.fract_transf_matrix[3][1]   0.00354328 
_atom_sites.fract_transf_matrix[3][2]   0.00689936 
_atom_sites.fract_transf_matrix[3][3]   -0.00912254 
_atom_sites.fract_transf_vector[1]      -0.328315 
_atom_sites.fract_transf_vector[2]      -0.614512 
_atom_sites.fract_transf_vector[3]      0.251302 
_atom_sites.solution_primary            ? 
_atom_sites.solution_secondary          ? 
_atom_sites.solution_hydrogens          ? 
_atom_sites.special_details             ? 
# 
loop_
_atom_type.symbol 
C 
N 
O 
# 
loop_
_atom_site.group_PDB 
_atom_site.id 
_atom_site.type_symbol 
_atom_site.label_atom_id 
_atom_site.label_alt_id 
_atom_site.label_comp_id 
_atom_site.label_asym_id 
_atom_site.label_entity_id 
_atom_site.label_seq_id 
_atom_site.pdbx_PDB_ins_code 
_atom_site.Cartn_x 
_atom_site.Cartn_y 
_atom_site.Cartn_z 
_atom_site.occupancy 
_atom_site.B_iso_or_equiv 
_atom_site.pdbx_formal_charge 
_atom_site.auth_seq_id 
_atom_site.auth_comp_id 
_atom_site.auth_asym_id 
_atom_site.auth_atom_id 
_atom_site.pdbx_PDB_model_num 
ATOM 1   N N   . THR A 1 18 ? -12.140 -2.659  -8.386  1.00 99.27  ? 17 THR A N   1 
ATOM 2   C CA  . THR A 1 18 ? -10.711 -2.358  -8.387  1.00 101.60 ? 17 THR A CA  1 
ATOM 3   C C   . THR A 1 18 ? -9.962  -3.129  -9.480  1.00 93.44  ? 17 THR A C   1 
ATOM 4   O O   . THR A 1 18 ? -10.558 -3.934  -10.214 1.00 89.45  ? 17 THR A O   1 
ATOM 5   C CB  . THR A 1 18 ? -10.061 -2.679  -7.019  1.00 109.20 ? 17 THR A CB  1 
ATOM 6   O OG1 . THR A 1 18 ? -10.648 -3.870  -6.470  1.00 119.18 ? 17 THR A OG1 1 
ATOM 7   C CG2 . THR A 1 18 ? -10.240 -1.514  -6.049  1.00 93.42  ? 17 THR A CG2 1 
ATOM 8   N N   . VAL A 1 19 ? -8.653  -2.866  -9.577  1.00 77.97  ? 18 VAL A N   1 
ATOM 9   C CA  . VAL A 1 19 ? -7.754  -3.543  -10.510 1.00 69.80  ? 18 VAL A CA  1 
ATOM 10  C C   . VAL A 1 19 ? -6.763  -4.380  -9.705  1.00 55.34  ? 18 VAL A C   1 
ATOM 11  O O   . VAL A 1 19 ? -6.415  -4.026  -8.572  1.00 51.75  ? 18 VAL A O   1 
ATOM 12  C CB  . VAL A 1 19 ? -7.032  -2.527  -11.417 1.00 62.99  ? 18 VAL A CB  1 
ATOM 13  C CG1 . VAL A 1 19 ? -6.242  -3.237  -12.485 1.00 61.82  ? 18 VAL A CG1 1 
ATOM 14  C CG2 . VAL A 1 19 ? -8.045  -1.608  -12.052 1.00 64.63  ? 18 VAL A CG2 1 
ATOM 15  N N   . GLU A 1 20 ? -6.329  -5.504  -10.272 1.00 51.23  ? 19 GLU A N   1 
ATOM 16  C CA  . GLU A 1 20 ? -5.407  -6.376  -9.560  1.00 47.83  ? 19 GLU A CA  1 
ATOM 17  C C   . GLU A 1 20 ? -3.968  -5.973  -9.797  1.00 40.44  ? 19 GLU A C   1 
ATOM 18  O O   . GLU A 1 20 ? -3.587  -5.605  -10.903 1.00 44.13  ? 19 GLU A O   1 
ATOM 19  C CB  . GLU A 1 20 ? -5.536  -7.823  -9.997  1.00 48.65  ? 19 GLU A CB  1 
ATOM 20  C CG  . GLU A 1 20 ? -6.841  -8.268  -10.547 1.00 52.88  ? 19 GLU A CG  1 
ATOM 21  C CD  . GLU A 1 20 ? -6.783  -9.752  -10.798 1.00 63.39  ? 19 GLU A CD  1 
ATOM 22  O OE1 . GLU A 1 20 ? -7.248  -10.170 -11.887 1.00 67.35  ? 19 GLU A OE1 1 
ATOM 23  O OE2 . GLU A 1 20 ? -6.206  -10.478 -9.930  1.00 61.38  ? 19 GLU A OE2 1 
ATOM 24  N N   . PHE A 1 21 ? -3.156  -6.096  -8.754  1.00 41.20  ? 20 PHE A N   1 
ATOM 25  C CA  . PHE A 1 21 ? -1.718  -5.882  -8.847  1.00 42.29  ? 20 PHE A CA  1 
ATOM 26  C C   . PHE A 1 21 ? -0.981  -7.176  -8.511  1.00 40.86  ? 20 PHE A C   1 
ATOM 27  O O   . PHE A 1 21 ? -1.413  -7.926  -7.640  1.00 42.09  ? 20 PHE A O   1 
ATOM 28  C CB  . PHE A 1 21 ? -1.274  -4.768  -7.904  1.00 38.24  ? 20 PHE A CB  1 
ATOM 29  C CG  . PHE A 1 21 ? -1.804  -3.404  -8.270  1.00 43.76  ? 20 PHE A CG  1 
ATOM 30  C CD1 . PHE A 1 21 ? -3.172  -3.149  -8.300  1.00 43.77  ? 20 PHE A CD1 1 
ATOM 31  C CD2 . PHE A 1 21 ? -0.936  -2.364  -8.548  1.00 46.03  ? 20 PHE A CD2 1 
ATOM 32  C CE1 . PHE A 1 21 ? -3.659  -1.901  -8.618  1.00 41.04  ? 20 PHE A CE1 1 
ATOM 33  C CE2 . PHE A 1 21 ? -1.425  -1.103  -8.856  1.00 45.01  ? 20 PHE A CE2 1 
ATOM 34  C CZ  . PHE A 1 21 ? -2.791  -0.878  -8.894  1.00 41.01  ? 20 PHE A CZ  1 
ATOM 35  N N   . THR A 1 22 ? 0.136   -7.446  -9.185  1.00 39.39  ? 21 THR A N   1 
ATOM 36  C CA  . THR A 1 22 ? 0.930   -8.572  -8.722  1.00 43.07  ? 21 THR A CA  1 
ATOM 37  C C   . THR A 1 22 ? 1.559   -8.274  -7.358  1.00 49.64  ? 21 THR A C   1 
ATOM 38  O O   . THR A 1 22 ? 1.508   -7.155  -6.828  1.00 41.43  ? 21 THR A O   1 
ATOM 39  C CB  . THR A 1 22 ? 2.028   -8.938  -9.717  1.00 42.33  ? 21 THR A CB  1 
ATOM 40  O OG1 . THR A 1 22 ? 2.842   -7.793  -9.970  1.00 41.43  ? 21 THR A OG1 1 
ATOM 41  C CG2 . THR A 1 22 ? 1.442   -9.507  -11.033 1.00 43.69  ? 21 THR A CG2 1 
ATOM 42  N N   . GLY A 1 23 ? 2.155   -9.316  -6.774  1.00 50.76  ? 22 GLY A N   1 
ATOM 43  C CA  . GLY A 1 23 ? 2.832   -9.140  -5.505  1.00 47.66  ? 22 GLY A CA  1 
ATOM 44  C C   . GLY A 1 23 ? 3.979   -8.162  -5.611  1.00 49.81  ? 22 GLY A C   1 
ATOM 45  O O   . GLY A 1 23 ? 4.152   -7.293  -4.753  1.00 50.58  ? 22 GLY A O   1 
ATOM 46  N N   . GLU A 1 24 ? 4.768   -8.274  -6.674  1.00 48.83  ? 23 GLU A N   1 
ATOM 47  C CA  . GLU A 1 24 ? 5.883   -7.359  -6.815  1.00 51.34  ? 23 GLU A CA  1 
ATOM 48  C C   . GLU A 1 24 ? 5.395   -5.939  -7.053  1.00 54.07  ? 23 GLU A C   1 
ATOM 49  O O   . GLU A 1 24 ? 6.037   -4.976  -6.600  1.00 56.99  ? 23 GLU A O   1 
ATOM 50  C CB  . GLU A 1 24 ? 6.803   -7.842  -7.925  1.00 60.49  ? 23 GLU A CB  1 
ATOM 51  C CG  . GLU A 1 24 ? 8.137   -7.119  -7.954  1.00 80.07  ? 23 GLU A CG  1 
ATOM 52  C CD  . GLU A 1 24 ? 9.002   -7.561  -9.115  1.00 85.35  ? 23 GLU A CD  1 
ATOM 53  O OE1 . GLU A 1 24 ? 8.983   -8.772  -9.437  1.00 81.37  ? 23 GLU A OE1 1 
ATOM 54  O OE2 . GLU A 1 24 ? 9.685   -6.701  -9.708  1.00 85.96  ? 23 GLU A OE2 1 
ATOM 55  N N   . GLN A 1 25 ? 4.247   -5.784  -7.716  1.00 44.98  ? 24 GLN A N   1 
ATOM 56  C CA  . GLN A 1 25 ? 3.686   -4.452  -7.873  1.00 45.87  ? 24 GLN A CA  1 
ATOM 57  C C   . GLN A 1 25 ? 3.357   -3.848  -6.509  1.00 49.20  ? 24 GLN A C   1 
ATOM 58  O O   . GLN A 1 25 ? 3.758   -2.722  -6.202  1.00 42.13  ? 24 GLN A O   1 
ATOM 59  C CB  . GLN A 1 25 ? 2.455   -4.519  -8.771  1.00 46.33  ? 24 GLN A CB  1 
ATOM 60  C CG  . GLN A 1 25 ? 2.741   -4.142  -10.228 1.00 44.97  ? 24 GLN A CG  1 
ATOM 61  C CD  . GLN A 1 25 ? 1.923   -4.950  -11.247 1.00 39.53  ? 24 GLN A CD  1 
ATOM 62  O OE1 . GLN A 1 25 ? 1.158   -5.846  -10.897 1.00 39.38  ? 24 GLN A OE1 1 
ATOM 63  N NE2 . GLN A 1 25 ? 2.100   -4.633  -12.510 1.00 39.91  ? 24 GLN A NE2 1 
ATOM 64  N N   . LYS A 1 26 ? 2.664   -4.611  -5.656  1.00 56.48  ? 25 LYS A N   1 
ATOM 65  C CA  . LYS A 1 26 ? 2.318   -4.123  -4.324  1.00 43.90  ? 25 LYS A CA  1 
ATOM 66  C C   . LYS A 1 26 ? 3.563   -3.775  -3.541  1.00 44.61  ? 25 LYS A C   1 
ATOM 67  O O   . LYS A 1 26 ? 3.635   -2.702  -2.933  1.00 48.91  ? 25 LYS A O   1 
ATOM 68  C CB  . LYS A 1 26 ? 1.463   -5.150  -3.574  1.00 41.42  ? 25 LYS A CB  1 
ATOM 69  C CG  . LYS A 1 26 ? 0.038   -5.219  -4.095  1.00 45.77  ? 25 LYS A CG  1 
ATOM 70  C CD  . LYS A 1 26 ? -0.810  -6.239  -3.375  1.00 48.64  ? 25 LYS A CD  1 
ATOM 71  C CE  . LYS A 1 26 ? -0.732  -7.605  -4.076  1.00 50.71  ? 25 LYS A CE  1 
ATOM 72  N NZ  . LYS A 1 26 ? -1.820  -8.564  -3.613  1.00 46.83  ? 25 LYS A NZ  1 
ATOM 73  N N   . ASP A 1 27 ? 4.574   -4.652  -3.575  1.00 46.27  ? 26 ASP A N   1 
ATOM 74  C CA  . ASP A 1 27 ? 5.824   -4.392  -2.866  1.00 46.77  ? 26 ASP A CA  1 
ATOM 75  C C   . ASP A 1 27 ? 6.389   -3.019  -3.234  1.00 55.45  ? 26 ASP A C   1 
ATOM 76  O O   . ASP A 1 27 ? 6.624   -2.166  -2.366  1.00 55.36  ? 26 ASP A O   1 
ATOM 77  C CB  . ASP A 1 27 ? 6.840   -5.486  -3.180  1.00 43.34  ? 26 ASP A CB  1 
ATOM 78  C CG  . ASP A 1 27 ? 6.449   -6.828  -2.613  1.00 50.69  ? 26 ASP A CG  1 
ATOM 79  O OD1 . ASP A 1 27 ? 5.471   -6.890  -1.843  1.00 47.95  ? 26 ASP A OD1 1 
ATOM 80  O OD2 . ASP A 1 27 ? 7.117   -7.837  -2.947  1.00 58.06  ? 26 ASP A OD2 1 
ATOM 81  N N   . ALA A 1 28 ? 6.582   -2.779  -4.533  1.00 52.49  ? 27 ALA A N   1 
ATOM 82  C CA  . ALA A 1 28 ? 7.118   -1.496  -4.968  1.00 49.35  ? 27 ALA A CA  1 
ATOM 83  C C   . ALA A 1 28 ? 6.287   -0.326  -4.442  1.00 48.84  ? 27 ALA A C   1 
ATOM 84  O O   . ALA A 1 28 ? 6.843   0.719   -4.094  1.00 50.93  ? 27 ALA A O   1 
ATOM 85  C CB  . ALA A 1 28 ? 7.203   -1.465  -6.489  1.00 50.79  ? 27 ALA A CB  1 
ATOM 86  N N   . LEU A 1 29 ? 4.956   -0.480  -4.382  1.00 49.45  ? 28 LEU A N   1 
ATOM 87  C CA  . LEU A 1 29 ? 4.107   0.585   -3.841  1.00 50.52  ? 28 LEU A CA  1 
ATOM 88  C C   . LEU A 1 29 ? 4.343   0.757   -2.346  1.00 55.48  ? 28 LEU A C   1 
ATOM 89  O O   . LEU A 1 29 ? 4.545   1.879   -1.857  1.00 51.78  ? 28 LEU A O   1 
ATOM 90  C CB  . LEU A 1 29 ? 2.626   0.293   -4.120  1.00 40.73  ? 28 LEU A CB  1 
ATOM 91  C CG  . LEU A 1 29 ? 2.225   0.416   -5.576  1.00 40.32  ? 28 LEU A CG  1 
ATOM 92  C CD1 . LEU A 1 29 ? 0.980   -0.407  -5.911  1.00 39.32  ? 28 LEU A CD1 1 
ATOM 93  C CD2 . LEU A 1 29 ? 2.034   1.852   -5.897  1.00 39.20  ? 28 LEU A CD2 1 
ATOM 94  N N   . ILE A 1 30 ? 4.298   -0.354  -1.606  1.00 53.03  ? 29 ILE A N   1 
ATOM 95  C CA  . ILE A 1 30 ? 4.503   -0.330  -0.164  1.00 53.71  ? 29 ILE A CA  1 
ATOM 96  C C   . ILE A 1 30 ? 5.851   0.280   0.175   1.00 56.61  ? 29 ILE A C   1 
ATOM 97  O O   . ILE A 1 30 ? 5.975   1.038   1.142   1.00 59.06  ? 29 ILE A O   1 
ATOM 98  C CB  . ILE A 1 30 ? 4.373   -1.754  0.395   1.00 57.74  ? 29 ILE A CB  1 
ATOM 99  C CG1 . ILE A 1 30 ? 3.093   -2.403  -0.139  1.00 48.64  ? 29 ILE A CG1 1 
ATOM 100 C CG2 . ILE A 1 30 ? 4.467   -1.744  1.922   1.00 62.74  ? 29 ILE A CG2 1 
ATOM 101 C CD1 . ILE A 1 30 ? 2.598   -3.578  0.645   1.00 45.07  ? 29 ILE A CD1 1 
ATOM 102 N N   . GLU A 1 31 ? 6.876   -0.045  -0.611  1.00 57.29  ? 30 GLU A N   1 
ATOM 103 C CA  . GLU A 1 31 ? 8.190   0.565   -0.433  1.00 60.70  ? 30 GLU A CA  1 
ATOM 104 C C   . GLU A 1 31 ? 8.076   2.078   -0.362  1.00 57.97  ? 30 GLU A C   1 
ATOM 105 O O   . GLU A 1 31 ? 8.627   2.716   0.533   1.00 65.05  ? 30 GLU A O   1 
ATOM 106 C CB  . GLU A 1 31 ? 9.095   0.143   -1.589  1.00 63.58  ? 30 GLU A CB  1 
ATOM 107 C CG  . GLU A 1 31 ? 10.586  0.167   -1.360  1.00 70.42  ? 30 GLU A CG  1 
ATOM 108 C CD  . GLU A 1 31 ? 11.333  -0.532  -2.512  1.00 86.42  ? 30 GLU A CD  1 
ATOM 109 O OE1 . GLU A 1 31 ? 11.311  -1.785  -2.578  1.00 85.48  ? 30 GLU A OE1 1 
ATOM 110 O OE2 . GLU A 1 31 ? 11.930  0.165   -3.366  1.00 90.48  ? 30 GLU A OE2 1 
ATOM 111 N N   . LYS A 1 32 ? 7.321   2.668   -1.277  1.00 58.39  ? 31 LYS A N   1 
ATOM 112 C CA  . LYS A 1 32 ? 7.188   4.115   -1.291  1.00 57.59  ? 31 LYS A CA  1 
ATOM 113 C C   . LYS A 1 32 ? 6.489   4.622   -0.030  1.00 57.25  ? 31 LYS A C   1 
ATOM 114 O O   . LYS A 1 32 ? 6.881   5.662   0.510   1.00 59.25  ? 31 LYS A O   1 
ATOM 115 C CB  . LYS A 1 32 ? 6.447   4.560   -2.566  1.00 60.38  ? 31 LYS A CB  1 
ATOM 116 C CG  . LYS A 1 32 ? 7.187   4.272   -3.908  1.00 49.01  ? 31 LYS A CG  1 
ATOM 117 C CD  . LYS A 1 32 ? 8.582   4.859   -3.924  1.00 55.74  ? 31 LYS A CD  1 
ATOM 118 C CE  . LYS A 1 32 ? 9.533   4.020   -4.766  1.00 60.56  ? 31 LYS A CE  1 
ATOM 119 N NZ  . LYS A 1 32 ? 9.824   2.683   -4.148  1.00 64.02  ? 31 LYS A NZ  1 
ATOM 120 N N   . TYR A 1 33 ? 5.477   3.902   0.473   1.00 61.23  ? 32 TYR A N   1 
ATOM 121 C CA  . TYR A 1 33 ? 4.758   4.386   1.653   1.00 57.55  ? 32 TYR A CA  1 
ATOM 122 C C   . TYR A 1 33 ? 5.706   4.579   2.822   1.00 62.04  ? 32 TYR A C   1 
ATOM 123 O O   . TYR A 1 33 ? 5.752   5.660   3.423   1.00 63.29  ? 32 TYR A O   1 
ATOM 124 C CB  . TYR A 1 33 ? 3.616   3.440   2.060   1.00 50.36  ? 32 TYR A CB  1 
ATOM 125 C CG  . TYR A 1 33 ? 3.017   3.759   3.435   1.00 53.79  ? 32 TYR A CG  1 
ATOM 126 C CD1 . TYR A 1 33 ? 2.004   4.700   3.571   1.00 54.27  ? 32 TYR A CD1 1 
ATOM 127 C CD2 . TYR A 1 33 ? 3.458   3.110   4.593   1.00 60.80  ? 32 TYR A CD2 1 
ATOM 128 C CE1 . TYR A 1 33 ? 1.452   4.998   4.813   1.00 51.57  ? 32 TYR A CE1 1 
ATOM 129 C CE2 . TYR A 1 33 ? 2.912   3.402   5.837   1.00 56.32  ? 32 TYR A CE2 1 
ATOM 130 C CZ  . TYR A 1 33 ? 1.913   4.350   5.937   1.00 54.78  ? 32 TYR A CZ  1 
ATOM 131 O OH  . TYR A 1 33 ? 1.359   4.655   7.163   1.00 59.63  ? 32 TYR A OH  1 
ATOM 132 N N   . TRP A 1 34 ? 6.490   3.536   3.153   1.00 64.72  ? 33 TRP A N   1 
ATOM 133 C CA  . TRP A 1 34 ? 7.332   3.562   4.352   1.00 63.23  ? 33 TRP A CA  1 
ATOM 134 C C   . TRP A 1 34 ? 8.451   4.591   4.248   1.00 62.48  ? 33 TRP A C   1 
ATOM 135 O O   . TRP A 1 34 ? 8.844   5.166   5.268   1.00 63.58  ? 33 TRP A O   1 
ATOM 136 C CB  . TRP A 1 34 ? 7.906   2.176   4.625   1.00 61.22  ? 33 TRP A CB  1 
ATOM 137 C CG  . TRP A 1 34 ? 6.871   1.273   5.172   1.00 62.30  ? 33 TRP A CG  1 
ATOM 138 C CD1 . TRP A 1 34 ? 6.365   0.153   4.588   1.00 68.94  ? 33 TRP A CD1 1 
ATOM 139 C CD2 . TRP A 1 34 ? 6.185   1.428   6.406   1.00 65.55  ? 33 TRP A CD2 1 
ATOM 140 N NE1 . TRP A 1 34 ? 5.410   -0.410  5.395   1.00 68.30  ? 33 TRP A NE1 1 
ATOM 141 C CE2 . TRP A 1 34 ? 5.275   0.366   6.516   1.00 70.75  ? 33 TRP A CE2 1 
ATOM 142 C CE3 . TRP A 1 34 ? 6.251   2.366   7.436   1.00 71.61  ? 33 TRP A CE3 1 
ATOM 143 C CZ2 . TRP A 1 34 ? 4.442   0.215   7.610   1.00 82.49  ? 33 TRP A CZ2 1 
ATOM 144 C CZ3 . TRP A 1 34 ? 5.423   2.218   8.517   1.00 71.56  ? 33 TRP A CZ3 1 
ATOM 145 C CH2 . TRP A 1 34 ? 4.528   1.151   8.598   1.00 89.80  ? 33 TRP A CH2 1 
ATOM 146 N N   . GLU A 1 35 ? 8.954   4.852   3.034   1.00 60.01  ? 34 GLU A N   1 
ATOM 147 C CA  . GLU A 1 35 ? 9.888   5.943   2.787   1.00 57.71  ? 34 GLU A CA  1 
ATOM 148 C C   . GLU A 1 35 ? 9.247   7.313   2.950   1.00 57.83  ? 34 GLU A C   1 
ATOM 149 O O   . GLU A 1 35 ? 9.968   8.301   3.105   1.00 66.00  ? 34 GLU A O   1 
ATOM 150 C CB  . GLU A 1 35 ? 10.464  5.841   1.372   1.00 52.96  ? 34 GLU A CB  1 
ATOM 151 C CG  . GLU A 1 35 ? 11.216  4.560   1.110   1.00 56.04  ? 34 GLU A CG  1 
ATOM 152 C CD  . GLU A 1 35 ? 11.722  4.440   -0.328  1.00 70.93  ? 34 GLU A CD  1 
ATOM 153 O OE1 . GLU A 1 35 ? 12.483  3.479   -0.588  1.00 84.93  ? 34 GLU A OE1 1 
ATOM 154 O OE2 . GLU A 1 35 ? 11.375  5.290   -1.191  1.00 68.17  ? 34 GLU A OE2 1 
ATOM 155 N N   . ALA A 1 36 ? 7.925   7.421   2.877   1.00 53.86  ? 35 ALA A N   1 
ATOM 156 C CA  . ALA A 1 36 ? 7.334   8.741   3.002   1.00 59.64  ? 35 ALA A CA  1 
ATOM 157 C C   . ALA A 1 36 ? 7.380   9.212   4.454   1.00 67.99  ? 35 ALA A C   1 
ATOM 158 O O   . ALA A 1 36 ? 7.481   8.412   5.390   1.00 62.63  ? 35 ALA A O   1 
ATOM 159 C CB  . ALA A 1 36 ? 5.896   8.733   2.493   1.00 64.40  ? 35 ALA A CB  1 
ATOM 160 N N   . ASN A 1 37 ? 7.300   10.529  4.642   1.00 68.78  ? 36 ASN A N   1 
ATOM 161 C CA  . ASN A 1 37 ? 7.281   11.082  5.992   1.00 73.63  ? 36 ASN A CA  1 
ATOM 162 C C   . ASN A 1 37 ? 5.910   10.846  6.634   1.00 78.23  ? 36 ASN A C   1 
ATOM 163 O O   . ASN A 1 37 ? 4.995   10.292  6.021   1.00 85.86  ? 36 ASN A O   1 
ATOM 164 C CB  . ASN A 1 37 ? 7.692   12.557  5.955   1.00 73.55  ? 36 ASN A CB  1 
ATOM 165 C CG  . ASN A 1 37 ? 6.577   13.500  5.496   1.00 75.36  ? 36 ASN A CG  1 
ATOM 166 O OD1 . ASN A 1 37 ? 5.400   13.160  5.504   1.00 78.37  ? 36 ASN A OD1 1 
ATOM 167 N ND2 . ASN A 1 37 ? 6.968   14.695  5.054   1.00 70.39  ? 36 ASN A ND2 1 
ATOM 168 N N   . GLU A 1 38 ? 5.748   11.282  7.888   1.00 76.42  ? 37 GLU A N   1 
ATOM 169 C CA  . GLU A 1 38 ? 4.494   11.025  8.591   1.00 75.78  ? 37 GLU A CA  1 
ATOM 170 C C   . GLU A 1 38 ? 3.323   11.671  7.867   1.00 70.79  ? 37 GLU A C   1 
ATOM 171 O O   . GLU A 1 38 ? 2.340   11.001  7.530   1.00 67.06  ? 37 GLU A O   1 
ATOM 172 C CB  . GLU A 1 38 ? 4.574   11.515  10.045  1.00 75.18  ? 37 GLU A CB  1 
ATOM 173 N N   . ALA A 1 39 ? 3.430   12.976  7.582   1.00 72.74  ? 38 ALA A N   1 
ATOM 174 C CA  . ALA A 1 39 ? 2.313   13.706  6.991   1.00 74.15  ? 38 ALA A CA  1 
ATOM 175 C C   . ALA A 1 39 ? 1.953   13.169  5.611   1.00 70.26  ? 38 ALA A C   1 
ATOM 176 O O   . ALA A 1 39 ? 0.778   13.188  5.218   1.00 60.47  ? 38 ALA A O   1 
ATOM 177 C CB  . ALA A 1 39 ? 2.662   15.188  6.905   1.00 75.54  ? 38 ALA A CB  1 
ATOM 178 N N   . GLU A 1 40 ? 2.956   12.703  4.865   1.00 69.68  ? 39 GLU A N   1 
ATOM 179 C CA  . GLU A 1 40 ? 2.758   12.138  3.536   1.00 69.41  ? 39 GLU A CA  1 
ATOM 180 C C   . GLU A 1 40 ? 2.182   10.732  3.604   1.00 64.87  ? 39 GLU A C   1 
ATOM 181 O O   . GLU A 1 40 ? 1.387   10.348  2.740   1.00 65.28  ? 39 GLU A O   1 
ATOM 182 C CB  . GLU A 1 40 ? 4.092   12.111  2.786   1.00 73.50  ? 39 GLU A CB  1 
ATOM 183 C CG  . GLU A 1 40 ? 4.661   13.491  2.486   1.00 74.41  ? 39 GLU A CG  1 
ATOM 184 C CD  . GLU A 1 40 ? 5.879   13.432  1.596   1.00 74.64  ? 39 GLU A CD  1 
ATOM 185 O OE1 . GLU A 1 40 ? 6.829   12.679  1.935   1.00 68.22  ? 39 GLU A OE1 1 
ATOM 186 O OE2 . GLU A 1 40 ? 5.891   14.162  0.579   1.00 71.28  ? 39 GLU A OE2 1 
ATOM 187 N N   . ARG A 1 41 ? 2.583   9.954   4.611   1.00 63.70  ? 40 ARG A N   1 
ATOM 188 C CA  . ARG A 1 41 ? 2.010   8.632   4.803   1.00 58.71  ? 40 ARG A CA  1 
ATOM 189 C C   . ARG A 1 41 ? 0.495   8.690   4.899   1.00 60.55  ? 40 ARG A C   1 
ATOM 190 O O   . ARG A 1 41 ? -0.197  7.762   4.464   1.00 59.13  ? 40 ARG A O   1 
ATOM 191 C CB  . ARG A 1 41 ? 2.577   7.986   6.057   1.00 61.45  ? 40 ARG A CB  1 
ATOM 192 C CG  . ARG A 1 41 ? 3.954   7.444   5.876   1.00 60.85  ? 40 ARG A CG  1 
ATOM 193 C CD  . ARG A 1 41 ? 4.576   7.127   7.212   1.00 62.24  ? 40 ARG A CD  1 
ATOM 194 N NE  . ARG A 1 41 ? 5.850   6.458   7.011   1.00 64.68  ? 40 ARG A NE  1 
ATOM 195 C CZ  . ARG A 1 41 ? 6.530   5.844   7.963   1.00 59.10  ? 40 ARG A CZ  1 
ATOM 196 N NH1 . ARG A 1 41 ? 6.060   5.752   9.190   1.00 53.21  ? 40 ARG A NH1 1 
ATOM 197 N NH2 . ARG A 1 41 ? 7.716   5.313   7.675   1.00 57.05  ? 40 ARG A NH2 1 
ATOM 198 N N   . LYS A 1 42 ? -0.040  9.767   5.476   1.00 59.93  ? 41 LYS A N   1 
ATOM 199 C CA  . LYS A 1 42 ? -1.490  9.891   5.562   1.00 57.14  ? 41 LYS A CA  1 
ATOM 200 C C   . LYS A 1 42 ? -2.093  10.069  4.178   1.00 62.03  ? 41 LYS A C   1 
ATOM 201 O O   . LYS A 1 42 ? -3.164  9.525   3.884   1.00 68.46  ? 41 LYS A O   1 
ATOM 202 C CB  . LYS A 1 42 ? -1.873  11.052  6.475   1.00 57.69  ? 41 LYS A CB  1 
ATOM 203 C CG  . LYS A 1 42 ? -1.479  10.839  7.920   1.00 59.64  ? 41 LYS A CG  1 
ATOM 204 C CD  . LYS A 1 42 ? -2.329  11.670  8.866   1.00 71.98  ? 41 LYS A CD  1 
ATOM 205 C CE  . LYS A 1 42 ? -1.752  11.634  10.278  1.00 79.32  ? 41 LYS A CE  1 
ATOM 206 N NZ  . LYS A 1 42 ? -1.610  10.228  10.772  1.00 72.79  ? 41 LYS A NZ  1 
ATOM 207 N N   . ALA A 1 43 ? -1.411  10.815  3.308   1.00 59.63  ? 42 ALA A N   1 
ATOM 208 C CA  . ALA A 1 43 ? -1.906  10.976  1.947   1.00 56.51  ? 42 ALA A CA  1 
ATOM 209 C C   . ALA A 1 43 ? -1.848  9.661   1.182   1.00 54.10  ? 42 ALA A C   1 
ATOM 210 O O   . ALA A 1 43 ? -2.811  9.288   0.503   1.00 58.14  ? 42 ALA A O   1 
ATOM 211 C CB  . ALA A 1 43 ? -1.107  12.052  1.230   1.00 58.79  ? 42 ALA A CB  1 
ATOM 212 N N   . ILE A 1 44 ? -0.729  8.942   1.281   1.00 51.25  ? 43 ILE A N   1 
ATOM 213 C CA  . ILE A 1 44 ? -0.561  7.717   0.506   1.00 55.78  ? 43 ILE A CA  1 
ATOM 214 C C   . ILE A 1 44 ? -1.478  6.615   1.040   1.00 62.50  ? 43 ILE A C   1 
ATOM 215 O O   . ILE A 1 44 ? -2.100  5.873   0.269   1.00 58.12  ? 43 ILE A O   1 
ATOM 216 C CB  . ILE A 1 44 ? 0.911   7.256   0.507   1.00 46.98  ? 43 ILE A CB  1 
ATOM 217 C CG1 . ILE A 1 44 ? 1.792   8.201   -0.290  1.00 42.88  ? 43 ILE A CG1 1 
ATOM 218 C CG2 . ILE A 1 44 ? 1.030   5.892   -0.092  1.00 41.74  ? 43 ILE A CG2 1 
ATOM 219 C CD1 . ILE A 1 44 ? 3.166   8.331   0.300   1.00 53.75  ? 43 ILE A CD1 1 
ATOM 220 N N   . ALA A 1 45 ? -1.550  6.486   2.374   1.00 61.10  ? 44 ALA A N   1 
ATOM 221 C CA  . ALA A 1 45 ? -2.355  5.420   2.959   1.00 53.75  ? 44 ALA A CA  1 
ATOM 222 C C   . ALA A 1 45 ? -3.828  5.584   2.598   1.00 60.49  ? 44 ALA A C   1 
ATOM 223 O O   . ALA A 1 45 ? -4.513  4.591   2.306   1.00 58.28  ? 44 ALA A O   1 
ATOM 224 C CB  . ALA A 1 45 ? -2.158  5.379   4.472   1.00 54.06  ? 44 ALA A CB  1 
ATOM 225 N N   . ARG A 1 46 ? -4.328  6.827   2.573   1.00 53.31  ? 45 ARG A N   1 
ATOM 226 C CA  . ARG A 1 46 ? -5.679  7.035   2.073   1.00 55.23  ? 45 ARG A CA  1 
ATOM 227 C C   . ARG A 1 46 ? -5.811  6.499   0.650   1.00 57.19  ? 45 ARG A C   1 
ATOM 228 O O   . ARG A 1 46 ? -6.724  5.723   0.344   1.00 59.29  ? 45 ARG A O   1 
ATOM 229 C CB  . ARG A 1 46 ? -6.058  8.510   2.129   1.00 57.13  ? 45 ARG A CB  1 
ATOM 230 C CG  . ARG A 1 46 ? -7.428  8.765   1.508   1.00 62.71  ? 45 ARG A CG  1 
ATOM 231 C CD  . ARG A 1 46 ? -7.750  10.247  1.343   1.00 73.12  ? 45 ARG A CD  1 
ATOM 232 N NE  . ARG A 1 46 ? -7.263  11.047  2.459   1.00 78.44  ? 45 ARG A NE  1 
ATOM 233 C CZ  . ARG A 1 46 ? -7.726  10.965  3.699   1.00 79.30  ? 45 ARG A CZ  1 
ATOM 234 N NH1 . ARG A 1 46 ? -8.683  10.111  4.024   1.00 84.93  ? 45 ARG A NH1 1 
ATOM 235 N NH2 . ARG A 1 46 ? -7.220  11.765  4.635   1.00 79.57  ? 45 ARG A NH2 1 
ATOM 236 N N   . ALA A 1 47 ? -4.870  6.874   -0.222  1.00 58.41  ? 46 ALA A N   1 
ATOM 237 C CA  . ALA A 1 47 ? -4.867  6.376   -1.596  1.00 53.16  ? 46 ALA A CA  1 
ATOM 238 C C   . ALA A 1 47 ? -4.911  4.861   -1.631  1.00 56.80  ? 46 ALA A C   1 
ATOM 239 O O   . ALA A 1 47 ? -5.832  4.269   -2.204  1.00 62.64  ? 46 ALA A O   1 
ATOM 240 C CB  . ALA A 1 47 ? -3.635  6.882   -2.344  1.00 45.23  ? 46 ALA A CB  1 
ATOM 241 N N   . TYR A 1 48 ? -3.930  4.210   -0.997  1.00 57.71  ? 47 TYR A N   1 
ATOM 242 C CA  . TYR A 1 48 ? -3.863  2.754   -1.059  1.00 58.17  ? 47 TYR A CA  1 
ATOM 243 C C   . TYR A 1 48 ? -5.109  2.119   -0.446  1.00 58.38  ? 47 TYR A C   1 
ATOM 244 O O   . TYR A 1 48 ? -5.506  1.014   -0.844  1.00 52.28  ? 47 TYR A O   1 
ATOM 245 C CB  . TYR A 1 48 ? -2.608  2.242   -0.337  1.00 50.98  ? 47 TYR A CB  1 
ATOM 246 C CG  . TYR A 1 48 ? -1.272  2.566   -0.990  1.00 48.73  ? 47 TYR A CG  1 
ATOM 247 C CD1 . TYR A 1 48 ? -0.087  2.060   -0.460  1.00 49.25  ? 47 TYR A CD1 1 
ATOM 248 C CD2 . TYR A 1 48 ? -1.179  3.420   -2.089  1.00 49.16  ? 47 TYR A CD2 1 
ATOM 249 C CE1 . TYR A 1 48 ? 1.153   2.344   -1.029  1.00 47.80  ? 47 TYR A CE1 1 
ATOM 250 C CE2 . TYR A 1 48 ? 0.071   3.717   -2.675  1.00 47.90  ? 47 TYR A CE2 1 
ATOM 251 C CZ  . TYR A 1 48 ? 1.231   3.162   -2.136  1.00 49.62  ? 47 TYR A CZ  1 
ATOM 252 O OH  . TYR A 1 48 ? 2.476   3.428   -2.676  1.00 46.14  ? 47 TYR A OH  1 
ATOM 253 N N   . ALA A 1 49 ? -5.743  2.809   0.510   1.00 55.44  ? 48 ALA A N   1 
ATOM 254 C CA  . ALA A 1 49 ? -6.824  2.192   1.272   1.00 55.39  ? 48 ALA A CA  1 
ATOM 255 C C   . ALA A 1 49 ? -8.011  1.879   0.384   1.00 55.86  ? 48 ALA A C   1 
ATOM 256 O O   . ALA A 1 49 ? -8.608  0.801   0.485   1.00 61.74  ? 48 ALA A O   1 
ATOM 257 C CB  . ALA A 1 49 ? -7.250  3.101   2.417   1.00 62.14  ? 48 ALA A CB  1 
ATOM 258 N N   . SER A 1 50 ? -8.370  2.811   -0.497  1.00 57.76  ? 49 SER A N   1 
ATOM 259 C CA  . SER A 1 50 ? -9.455  2.549   -1.437  1.00 56.06  ? 49 SER A CA  1 
ATOM 260 C C   . SER A 1 50 ? -9.000  1.625   -2.554  1.00 59.32  ? 49 SER A C   1 
ATOM 261 O O   . SER A 1 50 ? -9.751  0.734   -2.971  1.00 63.50  ? 49 SER A O   1 
ATOM 262 C CB  . SER A 1 50 ? -9.972  3.861   -2.014  1.00 58.27  ? 49 SER A CB  1 
ATOM 263 O OG  . SER A 1 50 ? -9.375  4.112   -3.273  1.00 61.38  ? 49 SER A OG  1 
ATOM 264 N N   . LEU A 1 51 ? -7.778  1.814   -3.030  1.00 55.46  ? 50 LEU A N   1 
ATOM 265 C CA  . LEU A 1 51 ? -7.247  1.045   -4.146  1.00 56.20  ? 50 LEU A CA  1 
ATOM 266 C C   . LEU A 1 51 ? -7.039  -0.431  -3.796  1.00 60.53  ? 50 LEU A C   1 
ATOM 267 O O   . LEU A 1 51 ? -7.007  -1.272  -4.702  1.00 60.40  ? 50 LEU A O   1 
ATOM 268 C CB  . LEU A 1 51 ? -5.943  1.718   -4.580  1.00 59.17  ? 50 LEU A CB  1 
ATOM 269 C CG  . LEU A 1 51 ? -5.179  1.481   -5.872  1.00 54.70  ? 50 LEU A CG  1 
ATOM 270 C CD1 . LEU A 1 51 ? -6.004  1.920   -7.009  1.00 59.03  ? 50 LEU A CD1 1 
ATOM 271 C CD2 . LEU A 1 51 ? -3.980  2.359   -5.795  1.00 52.54  ? 50 LEU A CD2 1 
ATOM 272 N N   . PHE A 1 52 ? -6.889  -0.766  -2.509  1.00 59.27  ? 51 PHE A N   1 
ATOM 273 C CA  . PHE A 1 52 ? -6.754  -2.156  -2.081  1.00 54.66  ? 51 PHE A CA  1 
ATOM 274 C C   . PHE A 1 52 ? -7.854  -2.499  -1.086  1.00 64.20  ? 51 PHE A C   1 
ATOM 275 O O   . PHE A 1 52 ? -7.598  -3.099  -0.033  1.00 66.39  ? 51 PHE A O   1 
ATOM 276 C CB  . PHE A 1 52 ? -5.374  -2.386  -1.478  1.00 55.12  ? 51 PHE A CB  1 
ATOM 277 C CG  . PHE A 1 52 ? -4.288  -2.174  -2.443  1.00 53.21  ? 51 PHE A CG  1 
ATOM 278 C CD1 . PHE A 1 52 ? -3.839  -3.218  -3.218  1.00 53.28  ? 51 PHE A CD1 1 
ATOM 279 C CD2 . PHE A 1 52 ? -3.755  -0.908  -2.636  1.00 56.24  ? 51 PHE A CD2 1 
ATOM 280 C CE1 . PHE A 1 52 ? -2.841  -3.031  -4.162  1.00 51.66  ? 51 PHE A CE1 1 
ATOM 281 C CE2 . PHE A 1 52 ? -2.760  -0.695  -3.592  1.00 53.03  ? 51 PHE A CE2 1 
ATOM 282 C CZ  . PHE A 1 52 ? -2.298  -1.772  -4.363  1.00 48.72  ? 51 PHE A CZ  1 
ATOM 283 N N   . ALA A 1 53 ? -9.082  -2.081  -1.411  1.00 69.69  ? 52 ALA A N   1 
ATOM 284 C CA  . ALA A 1 53 ? -10.234 -2.407  -0.583  1.00 72.38  ? 52 ALA A CA  1 
ATOM 285 C C   . ALA A 1 53 ? -10.354 -3.916  -0.395  1.00 71.83  ? 52 ALA A C   1 
ATOM 286 O O   . ALA A 1 53 ? -10.116 -4.445  0.694   1.00 73.17  ? 52 ALA A O   1 
ATOM 287 C CB  . ALA A 1 53 ? -11.501 -1.827  -1.208  1.00 73.01  ? 52 ALA A CB  1 
ATOM 288 N N   . ASN A 1 54 ? -10.684 -4.631  -1.453  1.00 70.58  ? 53 ASN A N   1 
ATOM 289 C CA  . ASN A 1 54 ? -10.803 -6.083  -1.340  1.00 88.17  ? 53 ASN A CA  1 
ATOM 290 C C   . ASN A 1 54 ? -9.536  -6.785  -1.823  1.00 85.01  ? 53 ASN A C   1 
ATOM 291 O O   . ASN A 1 54 ? -9.526  -7.645  -2.714  1.00 90.75  ? 53 ASN A O   1 
ATOM 292 C CB  . ASN A 1 54 ? -12.045 -6.560  -2.067  1.00 102.76 ? 53 ASN A CB  1 
ATOM 293 C CG  . ASN A 1 54 ? -13.289 -6.227  -1.292  1.00 106.72 ? 53 ASN A CG  1 
ATOM 294 O OD1 . ASN A 1 54 ? -13.951 -5.224  -1.560  1.00 128.98 ? 53 ASN A OD1 1 
ATOM 295 N ND2 . ASN A 1 54 ? -13.594 -7.044  -0.288  1.00 100.41 ? 53 ASN A ND2 1 
ATOM 296 N N   . ASP A 1 55 ? -8.442  -6.385  -1.181  1.00 76.39  ? 54 ASP A N   1 
ATOM 297 C CA  . ASP A 1 55 ? -7.195  -7.141  -1.210  1.00 63.40  ? 54 ASP A CA  1 
ATOM 298 C C   . ASP A 1 55 ? -6.799  -7.289  0.258   1.00 61.32  ? 54 ASP A C   1 
ATOM 299 O O   . ASP A 1 55 ? -6.269  -6.350  0.860   1.00 60.01  ? 54 ASP A O   1 
ATOM 300 C CB  . ASP A 1 55 ? -6.131  -6.442  -2.031  1.00 52.44  ? 54 ASP A CB  1 
ATOM 301 C CG  . ASP A 1 55 ? -5.001  -7.353  -2.391  1.00 54.28  ? 54 ASP A CG  1 
ATOM 302 O OD1 . ASP A 1 55 ? -4.185  -6.987  -3.279  1.00 55.70  ? 54 ASP A OD1 1 
ATOM 303 O OD2 . ASP A 1 55 ? -4.939  -8.450  -1.798  1.00 52.50  ? 54 ASP A OD2 1 
ATOM 304 N N   . ALA A 1 56 ? -7.119  -8.450  0.842   1.00 62.46  ? 55 ALA A N   1 
ATOM 305 C CA  . ALA A 1 56 ? -6.685  -8.730  2.204   1.00 57.01  ? 55 ALA A CA  1 
ATOM 306 C C   . ALA A 1 56 ? -5.184  -8.939  2.252   1.00 59.65  ? 55 ALA A C   1 
ATOM 307 O O   . ALA A 1 56 ? -4.558  -8.776  3.309   1.00 59.74  ? 55 ALA A O   1 
ATOM 308 C CB  . ALA A 1 56 ? -7.420  -9.947  2.754   1.00 54.23  ? 55 ALA A CB  1 
ATOM 309 N N   . ASP A 1 57 ? -4.581  -9.280  1.107   1.00 54.67  ? 56 ASP A N   1 
ATOM 310 C CA  . ASP A 1 57 ? -3.144  -9.485  1.052   1.00 50.51  ? 56 ASP A CA  1 
ATOM 311 C C   . ASP A 1 57 ? -2.380  -8.190  1.260   1.00 49.17  ? 56 ASP A C   1 
ATOM 312 O O   . ASP A 1 57 ? -1.318  -8.191  1.890   1.00 52.31  ? 56 ASP A O   1 
ATOM 313 C CB  . ASP A 1 57 ? -2.759  -10.094 -0.287  1.00 49.36  ? 56 ASP A CB  1 
ATOM 314 C CG  . ASP A 1 57 ? -1.275  -10.330 -0.405  1.00 48.69  ? 56 ASP A CG  1 
ATOM 315 O OD1 . ASP A 1 57 ? -0.625  -9.682  -1.254  1.00 53.36  ? 56 ASP A OD1 1 
ATOM 316 O OD2 . ASP A 1 57 ? -0.748  -11.178 0.335   1.00 55.24  ? 56 ASP A OD2 1 
ATOM 317 N N   . PHE A 1 58 ? -2.900  -7.074  0.759   1.00 51.18  ? 57 PHE A N   1 
ATOM 318 C CA  . PHE A 1 58 ? -2.152  -5.822  0.821   1.00 51.70  ? 57 PHE A CA  1 
ATOM 319 C C   . PHE A 1 58 ? -1.854  -5.419  2.263   1.00 55.23  ? 57 PHE A C   1 
ATOM 320 O O   . PHE A 1 58 ? -0.698  -5.162  2.608   1.00 54.47  ? 57 PHE A O   1 
ATOM 321 C CB  . PHE A 1 58 ? -2.888  -4.696  0.088   1.00 51.35  ? 57 PHE A CB  1 
ATOM 322 C CG  . PHE A 1 58 ? -2.030  -3.494  -0.129  1.00 51.16  ? 57 PHE A CG  1 
ATOM 323 C CD1 . PHE A 1 58 ? -1.001  -3.534  -1.054  1.00 51.60  ? 57 PHE A CD1 1 
ATOM 324 C CD2 . PHE A 1 58 ? -2.213  -2.350  0.610   1.00 49.68  ? 57 PHE A CD2 1 
ATOM 325 C CE1 . PHE A 1 58 ? -0.184  -2.458  -1.245  1.00 45.47  ? 57 PHE A CE1 1 
ATOM 326 C CE2 . PHE A 1 58 ? -1.395  -1.261  0.422   1.00 47.75  ? 57 PHE A CE2 1 
ATOM 327 C CZ  . PHE A 1 58 ? -0.379  -1.324  -0.506  1.00 49.36  ? 57 PHE A CZ  1 
ATOM 328 N N   . ILE A 1 59 ? -2.879  -5.375  3.124   1.00 59.83  ? 58 ILE A N   1 
ATOM 329 C CA  . ILE A 1 59 ? -2.654  -5.004  4.524   1.00 58.43  ? 58 ILE A CA  1 
ATOM 330 C C   . ILE A 1 59 ? -1.543  -5.855  5.124   1.00 56.54  ? 58 ILE A C   1 
ATOM 331 O O   . ILE A 1 59 ? -0.576  -5.337  5.692   1.00 59.73  ? 58 ILE A O   1 
ATOM 332 C CB  . ILE A 1 59 ? -3.947  -5.133  5.352   1.00 64.85  ? 58 ILE A CB  1 
ATOM 333 C CG1 . ILE A 1 59 ? -5.159  -4.690  4.549   1.00 75.46  ? 58 ILE A CG1 1 
ATOM 334 C CG2 . ILE A 1 59 ? -3.866  -4.271  6.617   1.00 64.58  ? 58 ILE A CG2 1 
ATOM 335 C CD1 . ILE A 1 59 ? -5.856  -5.809  3.862   1.00 75.64  ? 58 ILE A CD1 1 
ATOM 336 N N   . GLN A 1 60 ? -1.670  -7.170  5.013   1.00 56.27  ? 59 GLN A N   1 
ATOM 337 C CA  . GLN A 1 60 ? -0.620  -8.053  5.493   1.00 57.43  ? 59 GLN A CA  1 
ATOM 338 C C   . GLN A 1 60 ? 0.721   -7.692  4.867   1.00 60.22  ? 59 GLN A C   1 
ATOM 339 O O   . GLN A 1 60 ? 1.727   -7.518  5.560   1.00 61.92  ? 59 GLN A O   1 
ATOM 340 C CB  . GLN A 1 60 ? -0.993  -9.494  5.173   1.00 60.22  ? 59 GLN A CB  1 
ATOM 341 C CG  . GLN A 1 60 ? -2.464  -9.801  5.396   1.00 60.95  ? 59 GLN A CG  1 
ATOM 342 C CD  . GLN A 1 60 ? -2.678  -11.209 5.853   1.00 66.49  ? 59 GLN A CD  1 
ATOM 343 O OE1 . GLN A 1 60 ? -2.039  -11.659 6.810   1.00 78.38  ? 59 GLN A OE1 1 
ATOM 344 N NE2 . GLN A 1 60 ? -3.565  -11.932 5.169   1.00 63.19  ? 59 GLN A NE2 1 
ATOM 345 N N   . ARG A 1 61 ? 0.730   -7.562  3.543   1.00 62.12  ? 60 ARG A N   1 
ATOM 346 C CA  . ARG A 1 61 ? 1.969   -7.296  2.822   1.00 56.15  ? 60 ARG A CA  1 
ATOM 347 C C   . ARG A 1 61 ? 2.631   -6.027  3.326   1.00 56.71  ? 60 ARG A C   1 
ATOM 348 O O   . ARG A 1 61 ? 3.845   -5.995  3.545   1.00 63.52  ? 60 ARG A O   1 
ATOM 349 C CB  . ARG A 1 61 ? 1.650   -7.220  1.331   1.00 54.65  ? 60 ARG A CB  1 
ATOM 350 C CG  . ARG A 1 61 ? 2.798   -7.203  0.419   1.00 55.65  ? 60 ARG A CG  1 
ATOM 351 C CD  . ARG A 1 61 ? 2.360   -7.599  -0.977  1.00 46.50  ? 60 ARG A CD  1 
ATOM 352 N NE  . ARG A 1 61 ? 3.205   -8.648  -1.515  1.00 45.62  ? 60 ARG A NE  1 
ATOM 353 C CZ  . ARG A 1 61 ? 2.791   -9.885  -1.740  1.00 53.05  ? 60 ARG A CZ  1 
ATOM 354 N NH1 . ARG A 1 61 ? 1.560   -10.252 -1.447  1.00 62.87  ? 60 ARG A NH1 1 
ATOM 355 N NH2 . ARG A 1 61 ? 3.628   -10.758 -2.298  1.00 55.47  ? 60 ARG A NH2 1 
ATOM 356 N N   . LEU A 1 62 ? 1.825   -4.988  3.578   1.00 58.45  ? 61 LEU A N   1 
ATOM 357 C CA  . LEU A 1 62 ? 2.353   -3.717  4.057   1.00 59.45  ? 61 LEU A CA  1 
ATOM 358 C C   . LEU A 1 62 ? 2.856   -3.845  5.480   1.00 67.81  ? 61 LEU A C   1 
ATOM 359 O O   . LEU A 1 62 ? 3.943   -3.359  5.818   1.00 71.00  ? 61 LEU A O   1 
ATOM 360 C CB  . LEU A 1 62 ? 1.268   -2.640  3.973   1.00 51.63  ? 61 LEU A CB  1 
ATOM 361 C CG  . LEU A 1 62 ? 1.564   -1.163  4.216   1.00 52.40  ? 61 LEU A CG  1 
ATOM 362 C CD1 . LEU A 1 62 ? 0.333   -0.403  3.841   1.00 55.93  ? 61 LEU A CD1 1 
ATOM 363 C CD2 . LEU A 1 62 ? 1.888   -0.867  5.647   1.00 62.96  ? 61 LEU A CD2 1 
ATOM 364 N N   . LEU A 1 63 ? 2.052   -4.475  6.340   1.00 66.08  ? 62 LEU A N   1 
ATOM 365 C CA  . LEU A 1 63 ? 2.388   -4.489  7.751   1.00 62.20  ? 62 LEU A CA  1 
ATOM 366 C C   . LEU A 1 63 ? 3.680   -5.258  7.975   1.00 68.13  ? 62 LEU A C   1 
ATOM 367 O O   . LEU A 1 63 ? 4.523   -4.841  8.779   1.00 71.05  ? 62 LEU A O   1 
ATOM 368 C CB  . LEU A 1 63 ? 1.228   -5.064  8.563   1.00 57.86  ? 62 LEU A CB  1 
ATOM 369 C CG  . LEU A 1 63 ? 0.054   -4.077  8.701   1.00 56.95  ? 62 LEU A CG  1 
ATOM 370 C CD1 . LEU A 1 63 ? -1.245  -4.726  9.201   1.00 48.54  ? 62 LEU A CD1 1 
ATOM 371 C CD2 . LEU A 1 63 ? 0.444   -2.896  9.575   1.00 54.32  ? 62 LEU A CD2 1 
ATOM 372 N N   . ALA A 1 64 ? 3.881   -6.342  7.221   1.00 58.25  ? 63 ALA A N   1 
ATOM 373 C CA  . ALA A 1 64 ? 5.098   -7.130  7.365   1.00 64.49  ? 63 ALA A CA  1 
ATOM 374 C C   . ALA A 1 64 ? 6.316   -6.268  7.075   1.00 79.58  ? 63 ALA A C   1 
ATOM 375 O O   . ALA A 1 64 ? 7.107   -5.983  7.983   1.00 77.53  ? 63 ALA A O   1 
ATOM 376 C CB  . ALA A 1 64 ? 5.075   -8.351  6.448   1.00 67.92  ? 63 ALA A CB  1 
ATOM 377 N N   . HIS A 1 65 ? 6.477   -5.854  5.816   1.00 88.67  ? 64 HIS A N   1 
ATOM 378 C CA  . HIS A 1 65 ? 7.523   -4.901  5.440   1.00 92.78  ? 64 HIS A CA  1 
ATOM 379 C C   . HIS A 1 65 ? 7.159   -3.474  5.899   1.00 91.20  ? 64 HIS A C   1 
ATOM 380 O O   . HIS A 1 65 ? 7.589   -2.998  6.964   1.00 84.61  ? 64 HIS A O   1 
ATOM 381 C CB  . HIS A 1 65 ? 7.763   -4.933  3.928   1.00 98.60  ? 64 HIS A CB  1 
ATOM 382 C CG  . HIS A 1 65 ? 8.519   -3.752  3.409   1.00 116.71 ? 64 HIS A CG  1 
ATOM 383 N ND1 . HIS A 1 65 ? 9.551   -3.150  4.112   1.00 122.78 ? 64 HIS A ND1 1 
ATOM 384 C CD2 . HIS A 1 65 ? 8.400   -3.049  2.260   1.00 116.88 ? 64 HIS A CD2 1 
ATOM 385 C CE1 . HIS A 1 65 ? 10.024  -2.139  3.417   1.00 114.63 ? 64 HIS A CE1 1 
ATOM 386 N NE2 . HIS A 1 65 ? 9.342   -2.053  2.284   1.00 124.83 ? 64 HIS A NE2 1 
# 
loop_
_atom_site_anisotrop.id 
_atom_site_anisotrop.type_symbol 
_atom_site_anisotrop.pdbx_label_atom_id 
_atom_site_anisotrop.pdbx_label_alt_id 
_atom_site_anisotrop.pdbx_label_comp_id 
_atom_site_anisotrop.pdbx_label_asym_id 
_atom_site_anisotrop.pdbx_label_seq_id 
_atom_site_anisotrop.pdbx_PDB_ins_code 
_atom_site_anisotrop.U[1][1] 
_atom_site_anisotrop.U[2][2] 
_atom_site_anisotrop.U[3][3] 
_atom_site_anisotrop.U[1][2] 
_atom_site_anisotrop.U[1][3] 
_atom_site_anisotrop.U[2][3] 
_atom_site_anisotrop.pdbx_auth_seq_id 
_atom_site_anisotrop.pdbx_auth_comp_id 
_atom_site_anisotrop.pdbx_auth_asym_id 
_atom_site_anisotrop.pdbx_auth_atom_id 
1   N N   . THR A 18 ? 1.3845 1.0030 1.3843 -0.0146 0.0085  0.0161  17 THR A N   
2   C CA  . THR A 18 ? 1.4159 1.0300 1.4143 -0.0119 0.0263  0.0142  17 THR A CA  
3   C C   . THR A 18 ? 1.3182 0.9212 1.3108 0.0037  0.0265  0.0134  17 THR A C   
4   O O   . THR A 18 ? 1.2678 0.8691 1.2617 0.0114  0.0129  0.0141  17 THR A O   
5   C CB  . THR A 18 ? 1.5149 1.1235 1.5107 -0.0114 0.0350  0.0148  17 THR A CB  
6   O OG1 . THR A 18 ? 1.6447 1.2463 1.6374 -0.0039 0.0225  0.0171  17 THR A OG1 
7   C CG2 . THR A 18 ? 1.3074 0.9307 1.3116 -0.0284 0.0427  0.0144  17 THR A CG2 
8   N N   . VAL A 19 ? 1.1258 0.7230 1.1136 0.0086  0.0421  0.0117  18 VAL A N   
9   C CA  . VAL A 19 ? 1.0298 0.6158 1.0064 0.0266  0.0441  0.0111  18 VAL A CA  
10  C C   . VAL A 19 ? 0.8525 0.4355 0.8147 0.0406  0.0469  0.0118  18 VAL A C   
11  O O   . VAL A 19 ? 0.7996 0.4007 0.7656 0.0325  0.0512  0.0112  18 VAL A O   
12  C CB  . VAL A 19 ? 0.9409 0.5313 0.9210 0.0234  0.0564  0.0082  18 VAL A CB  
13  C CG1 . VAL A 19 ? 0.9277 0.5246 0.8967 0.0423  0.0507  0.0072  18 VAL A CG1 
14  C CG2 . VAL A 19 ? 0.9526 0.5573 0.9458 0.0082  0.0504  0.0076  18 VAL A CG2 
15  N N   . GLU A 20 ? 0.8064 0.3851 0.7550 0.0604  0.0385  0.0126  19 GLU A N   
16  C CA  . GLU A 20 ? 0.7614 0.3571 0.6989 0.0737  0.0341  0.0126  19 GLU A CA  
17  C C   . GLU A 20 ? 0.6542 0.2912 0.5911 0.0779  0.0373  0.0088  19 GLU A C   
18  O O   . GLU A 20 ? 0.6974 0.3436 0.6358 0.0806  0.0383  0.0068  19 GLU A O   
19  C CB  . GLU A 20 ? 0.7842 0.3579 0.7065 0.0938  0.0234  0.0151  19 GLU A CB  
20  C CG  . GLU A 20 ? 0.8377 0.3990 0.7723 0.0886  0.0156  0.0169  19 GLU A CG  
21  C CD  . GLU A 20 ? 0.9727 0.5349 0.9008 0.1040  0.0059  0.0187  19 GLU A CD  
22  O OE1 . GLU A 20 ? 1.0172 0.5862 0.9556 0.1046  0.0013  0.0189  19 GLU A OE1 
23  O OE2 . GLU A 20 ? 0.9545 0.5113 0.8663 0.1156  0.0039  0.0198  19 GLU A OE2 
24  N N   . PHE A 21 ? 0.6565 0.3180 0.5908 0.0792  0.0385  0.0080  20 PHE A N   
25  C CA  . PHE A 21 ? 0.6579 0.3592 0.5899 0.0851  0.0406  0.0046  20 PHE A CA  
26  C C   . PHE A 21 ? 0.6428 0.3502 0.5593 0.1049  0.0325  0.0056  20 PHE A C   
27  O O   . PHE A 21 ? 0.6657 0.3568 0.5766 0.1081  0.0285  0.0082  20 PHE A O   
28  C CB  . PHE A 21 ? 0.5932 0.3234 0.5364 0.0684  0.0499  0.0024  20 PHE A CB  
29  C CG  . PHE A 21 ? 0.6580 0.3882 0.6164 0.0492  0.0585  0.0009  20 PHE A CG  
30  C CD1 . PHE A 21 ? 0.6671 0.3639 0.6322 0.0382  0.0594  0.0032  20 PHE A CD1 
31  C CD2 . PHE A 21 ? 0.6731 0.4366 0.6392 0.0416  0.0657  -0.0029 20 PHE A CD2 
32  C CE1 . PHE A 21 ? 0.6279 0.3246 0.6069 0.0206  0.0673  0.0019  20 PHE A CE1 
33  C CE2 . PHE A 21 ? 0.6557 0.4190 0.6355 0.0236  0.0737  -0.0042 20 PHE A CE2 
34  C CZ  . PHE A 21 ? 0.6142 0.3437 0.6003 0.0134  0.0744  -0.0017 20 PHE A CZ  
35  N N   . THR A 22 ? 0.6187 0.3495 0.5284 0.1182  0.0303  0.0033  21 THR A N   
36  C CA  . THR A 22 ? 0.6666 0.4074 0.5625 0.1357  0.0236  0.0039  21 THR A CA  
37  C C   . THR A 22 ? 0.7401 0.5073 0.6387 0.1288  0.0281  0.0029  21 THR A C   
38  O O   . THR A 22 ? 0.6272 0.4085 0.5383 0.1111  0.0366  0.0014  21 THR A O   
39  C CB  . THR A 22 ? 0.6532 0.4144 0.5408 0.1519  0.0202  0.0016  21 THR A CB  
40  O OG1 . THR A 22 ? 0.6272 0.4228 0.5244 0.1425  0.0281  -0.0022 21 THR A OG1 
41  C CG2 . THR A 22 ? 0.6819 0.4146 0.5637 0.1623  0.0140  0.0030  21 THR A CG2 
42  N N   . GLY A 23 ? 0.7564 0.5296 0.6425 0.1436  0.0220  0.0038  22 GLY A N   
43  C CA  . GLY A 23 ? 0.7081 0.5074 0.5954 0.1391  0.0255  0.0029  22 GLY A CA  
44  C C   . GLY A 23 ? 0.7190 0.5604 0.6133 0.1333  0.0327  -0.0013 22 GLY A C   
45  O O   . GLY A 23 ? 0.7194 0.5794 0.6232 0.1184  0.0400  -0.0027 22 GLY A O   
46  N N   . GLU A 24 ? 0.7031 0.5596 0.5927 0.1446  0.0307  -0.0034 23 GLU A N   
47  C CA  . GLU A 24 ? 0.7192 0.6163 0.6152 0.1394  0.0374  -0.0075 23 GLU A CA  
48  C C   . GLU A 24 ? 0.7478 0.6469 0.6598 0.1184  0.0466  -0.0090 23 GLU A C   
49  O O   . GLU A 24 ? 0.7716 0.7014 0.6922 0.1069  0.0543  -0.0118 23 GLU A O   
50  C CB  . GLU A 24 ? 0.8332 0.7447 0.7202 0.1567  0.0329  -0.0092 23 GLU A CB  
51  C CG  . GLU A 24 ? 1.0651 1.0214 0.9557 0.1548  0.0385  -0.0133 23 GLU A CG  
52  C CD  . GLU A 24 ? 1.1303 1.0999 1.0127 0.1715  0.0342  -0.0151 23 GLU A CD  
53  O OE1 . GLU A 24 ? 1.0898 1.0431 0.9590 0.1896  0.0254  -0.0131 23 GLU A OE1 
54  O OE2 . GLU A 24 ? 1.1271 1.1229 1.0159 0.1665  0.0397  -0.0184 23 GLU A OE2 
55  N N   . GLN A 25 ? 0.6419 0.5088 0.5582 0.1128  0.0461  -0.0073 24 GLN A N   
56  C CA  . GLN A 25 ? 0.6484 0.5147 0.5799 0.0924  0.0548  -0.0085 24 GLN A CA  
57  C C   . GLN A 25 ? 0.6862 0.5568 0.6264 0.0759  0.0608  -0.0080 24 GLN A C   
58  O O   . GLN A 25 ? 0.5848 0.4804 0.5356 0.0615  0.0692  -0.0107 24 GLN A O   
59  C CB  . GLN A 25 ? 0.6662 0.4946 0.5997 0.0906  0.0523  -0.0063 24 GLN A CB  
60  C CG  . GLN A 25 ? 0.6466 0.4804 0.5815 0.0942  0.0529  -0.0084 24 GLN A CG  
61  C CD  . GLN A 25 ? 0.5920 0.3901 0.5200 0.1053  0.0453  -0.0059 24 GLN A CD  
62  O OE1 . GLN A 25 ? 0.6019 0.3709 0.5234 0.1112  0.0393  -0.0026 24 GLN A OE1 
63  N NE2 . GLN A 25 ? 0.5953 0.3961 0.5247 0.1081  0.0458  -0.0076 24 GLN A NE2 
64  N N   . LYS A 26 ? 0.7880 0.6350 0.7232 0.0780  0.0564  -0.0047 25 LYS A N   
65  C CA  . LYS A 26 ? 0.6253 0.4746 0.5680 0.0630  0.0616  -0.0041 25 LYS A CA  
66  C C   . LYS A 26 ? 0.6204 0.5107 0.5637 0.0618  0.0658  -0.0069 25 LYS A C   
67  O O   . LYS A 26 ? 0.6654 0.5727 0.6201 0.0448  0.0742  -0.0086 25 LYS A O   
68  C CB  . LYS A 26 ? 0.6067 0.4249 0.5421 0.0683  0.0552  -0.0001 25 LYS A CB  
69  C CG  . LYS A 26 ? 0.6745 0.4515 0.6130 0.0635  0.0532  0.0026  25 LYS A CG  
70  C CD  . LYS A 26 ? 0.7237 0.4695 0.6548 0.0687  0.0469  0.0066  25 LYS A CD  
71  C CE  . LYS A 26 ? 0.7607 0.4895 0.6765 0.0906  0.0365  0.0084  25 LYS A CE  
72  N NZ  . LYS A 26 ? 0.7265 0.4171 0.6358 0.0947  0.0301  0.0126  25 LYS A NZ  
73  N N   . ASP A 27 ? 0.6397 0.5473 0.5710 0.0795  0.0602  -0.0075 26 ASP A N   
74  C CA  . ASP A 27 ? 0.6328 0.5805 0.5639 0.0798  0.0637  -0.0102 26 ASP A CA  
75  C C   . ASP A 27 ? 0.7290 0.7059 0.6720 0.0660  0.0729  -0.0140 26 ASP A C   
76  O O   . ASP A 27 ? 0.7182 0.7151 0.6700 0.0516  0.0802  -0.0155 26 ASP A O   
77  C CB  . ASP A 27 ? 0.5897 0.5510 0.5061 0.1021  0.0562  -0.0106 26 ASP A CB  
78  C CG  . ASP A 27 ? 0.6948 0.6324 0.5988 0.1153  0.0475  -0.0071 26 ASP A CG  
79  O OD1 . ASP A 27 ? 0.6672 0.5808 0.5741 0.1068  0.0477  -0.0044 26 ASP A OD1 
80  O OD2 . ASP A 27 ? 0.7909 0.7332 0.6820 0.1346  0.0403  -0.0069 26 ASP A OD2 
81  N N   . ALA A 28 ? 0.6907 0.6696 0.6342 0.0702  0.0728  -0.0156 27 ALA A N   
82  C CA  . ALA A 28 ? 0.6382 0.6443 0.5927 0.0577  0.0813  -0.0192 27 ALA A CA  
83  C C   . ALA A 28 ? 0.6293 0.6281 0.5984 0.0347  0.0898  -0.0192 27 ALA A C   
84  O O   . ALA A 28 ? 0.6433 0.6704 0.6216 0.0217  0.0978  -0.0220 27 ALA A O   
85  C CB  . ALA A 28 ? 0.6582 0.6602 0.6113 0.0650  0.0793  -0.0203 27 ALA A CB  
86  N N   . LEU A 29 ? 0.6487 0.6099 0.6204 0.0290  0.0881  -0.0161 28 LEU A N   
87  C CA  . LEU A 29 ? 0.6607 0.6131 0.6458 0.0074  0.0959  -0.0159 28 LEU A CA  
88  C C   . LEU A 29 ? 0.7176 0.6850 0.7054 -0.0008 0.0994  -0.0158 28 LEU A C   
89  O O   . LEU A 29 ? 0.6604 0.6478 0.6590 -0.0173 0.1079  -0.0179 28 LEU A O   
90  C CB  . LEU A 29 ? 0.5510 0.4591 0.5375 0.0046  0.0926  -0.0124 28 LEU A CB  
91  C CG  . LEU A 29 ? 0.5508 0.4430 0.5382 0.0077  0.0911  -0.0126 28 LEU A CG  
92  C CD1 . LEU A 29 ? 0.5544 0.4025 0.5370 0.0135  0.0842  -0.0088 28 LEU A CD1 
93  C CD2 . LEU A 29 ? 0.5289 0.4300 0.5306 -0.0110 0.1004  -0.0148 28 LEU A CD2 
94  N N   . ILE A 30 ? 0.6934 0.6508 0.6709 0.0104  0.0927  -0.0134 29 ILE A N   
95  C CA  . ILE A 30 ? 0.6974 0.6671 0.6761 0.0042  0.0951  -0.0131 29 ILE A CA  
96  C C   . ILE A 30 ? 0.7185 0.7330 0.6995 0.0018  0.1006  -0.0168 29 ILE A C   
97  O O   . ILE A 30 ? 0.7415 0.7721 0.7306 -0.0125 0.1073  -0.0179 29 ILE A O   
98  C CB  . ILE A 30 ? 0.7585 0.7114 0.7239 0.0201  0.0861  -0.0099 29 ILE A CB  
99  C CG1 . ILE A 30 ? 0.6591 0.5677 0.6212 0.0242  0.0801  -0.0064 29 ILE A CG1 
100 C CG2 . ILE A 30 ? 0.8183 0.7807 0.7849 0.0131  0.0884  -0.0092 29 ILE A CG2 
101 C CD1 . ILE A 30 ? 0.6249 0.5105 0.5772 0.0334  0.0729  -0.0028 29 ILE A CD1 
102 N N   . GLU A 31 ? 0.7224 0.7578 0.6965 0.0157  0.0976  -0.0189 30 GLU A N   
103 C CA  . GLU A 31 ? 0.7503 0.8292 0.7268 0.0137  0.1027  -0.0226 30 GLU A CA  
104 C C   . GLU A 31 ? 0.7060 0.7986 0.6978 -0.0081 0.1133  -0.0250 30 GLU A C   
105 O O   . GLU A 31 ? 0.7854 0.9040 0.7825 -0.0181 0.1193  -0.0268 30 GLU A O   
106 C CB  . GLU A 31 ? 0.7845 0.8783 0.7530 0.0300  0.0986  -0.0244 30 GLU A CB  
107 C CG  . GLU A 31 ? 0.8582 0.9945 0.8229 0.0368  0.0998  -0.0276 30 GLU A CG  
108 C CD  . GLU A 31 ? 1.0617 1.2057 1.0162 0.0561  0.0937  -0.0286 30 GLU A CD  
109 O OE1 . GLU A 31 ? 1.0589 1.1882 1.0008 0.0737  0.0849  -0.0264 30 GLU A OE1 
110 O OE2 . GLU A 31 ? 1.1049 1.2693 1.0637 0.0537  0.0976  -0.0316 30 GLU A OE2 
111 N N   . LYS A 32 ? 0.7153 0.7894 0.7140 -0.0158 0.1156  -0.0249 31 LYS A N   
112 C CA  . LYS A 32 ? 0.6964 0.7822 0.7094 -0.0363 0.1256  -0.0272 31 LYS A CA  
113 C C   . LYS A 32 ? 0.6921 0.7699 0.7132 -0.0529 0.1306  -0.0259 31 LYS A C   
114 O O   . LYS A 32 ? 0.7064 0.8082 0.7368 -0.0676 0.1388  -0.0284 31 LYS A O   
115 C CB  . LYS A 32 ? 0.7372 0.8016 0.7553 -0.0401 0.1265  -0.0272 31 LYS A CB  
116 C CG  . LYS A 32 ? 0.5918 0.6671 0.6034 -0.0258 0.1229  -0.0289 31 LYS A CG  
117 C CD  . LYS A 32 ? 0.6617 0.7814 0.6748 -0.0265 0.1277  -0.0330 31 LYS A CD  
118 C CE  . LYS A 32 ? 0.7221 0.8553 0.7236 -0.0058 0.1211  -0.0340 31 LYS A CE  
119 N NZ  . LYS A 32 ? 0.7714 0.9012 0.7600 0.0112  0.1129  -0.0319 31 LYS A NZ  
120 N N   . TYR A 33 ? 0.7546 0.7996 0.7724 -0.0509 0.1258  -0.0223 32 TYR A N   
121 C CA  . TYR A 33 ? 0.7084 0.7444 0.7340 -0.0670 0.1306  -0.0210 32 TYR A CA  
122 C C   . TYR A 33 ? 0.7542 0.8231 0.7799 -0.0702 0.1341  -0.0227 32 TYR A C   
123 O O   . TYR A 33 ? 0.7613 0.8456 0.7978 -0.0876 0.1426  -0.0245 32 TYR A O   
124 C CB  . TYR A 33 ? 0.6321 0.6290 0.6525 -0.0622 0.1241  -0.0166 32 TYR A CB  
125 C CG  . TYR A 33 ? 0.6756 0.6659 0.7021 -0.0764 0.1280  -0.0152 32 TYR A CG  
126 C CD1 . TYR A 33 ? 0.6832 0.6568 0.7218 -0.0951 0.1343  -0.0147 32 TYR A CD1 
127 C CD2 . TYR A 33 ? 0.7631 0.7637 0.7832 -0.0708 0.1255  -0.0143 32 TYR A CD2 
128 C CE1 . TYR A 33 ? 0.6492 0.6169 0.6935 -0.1079 0.1380  -0.0135 32 TYR A CE1 
129 C CE2 . TYR A 33 ? 0.7066 0.7012 0.7322 -0.0837 0.1292  -0.0131 32 TYR A CE2 
130 C CZ  . TYR A 33 ? 0.6884 0.6668 0.7263 -0.1022 0.1354  -0.0126 32 TYR A CZ  
131 O OH  . TYR A 33 ? 0.7500 0.7223 0.7935 -0.1152 0.1391  -0.0114 32 TYR A OH  
132 N N   . TRP A 34 ? 0.7881 0.8689 0.8019 -0.0534 0.1278  -0.0224 33 TRP A N   
133 C CA  . TRP A 34 ? 0.7601 0.8696 0.7729 -0.0551 0.1301  -0.0235 33 TRP A CA  
134 C C   . TRP A 34 ? 0.7347 0.8853 0.7539 -0.0627 0.1376  -0.0279 33 TRP A C   
135 O O   . TRP A 34 ? 0.7396 0.9119 0.7643 -0.0735 0.1433  -0.0292 33 TRP A O   
136 C CB  . TRP A 34 ? 0.7388 0.8504 0.7368 -0.0343 0.1211  -0.0221 33 TRP A CB  
137 C CG  . TRP A 34 ? 0.7662 0.8421 0.7589 -0.0302 0.1152  -0.0180 33 TRP A CG  
138 C CD1 . TRP A 34 ? 0.8633 0.9104 0.8458 -0.0149 0.1063  -0.0152 33 TRP A CD1 
139 C CD2 . TRP A 34 ? 0.8097 0.8740 0.8069 -0.0420 0.1178  -0.0162 33 TRP A CD2 
140 N NE1 . TRP A 34 ? 0.8655 0.8840 0.8459 -0.0165 0.1032  -0.0117 33 TRP A NE1 
141 C CE2 . TRP A 34 ? 0.8901 0.9185 0.8796 -0.0331 0.1102  -0.0122 33 TRP A CE2 
142 C CE3 . TRP A 34 ? 0.8775 0.9586 0.8847 -0.0594 0.1258  -0.0174 33 TRP A CE3 
143 C CZ2 . TRP A 34 ? 1.0447 1.0537 1.0360 -0.0409 0.1104  -0.0095 33 TRP A CZ2 
144 C CZ3 . TRP A 34 ? 0.8827 0.9445 0.8917 -0.0670 0.1260  -0.0148 33 TRP A CZ3 
145 C CH2 . TRP A 34 ? 1.1283 1.1544 1.1294 -0.0579 0.1183  -0.0109 33 TRP A CH2 
146 N N   . GLU A 35 ? 0.6998 0.8614 0.7189 -0.0578 0.1379  -0.0300 34 GLU A N   
147 C CA  . GLU A 35 ? 0.6561 0.8539 0.6827 -0.0668 0.1456  -0.0341 34 GLU A CA  
148 C C   . GLU A 35 ? 0.6537 0.8488 0.6950 -0.0898 0.1551  -0.0351 34 GLU A C   
149 O O   . GLU A 35 ? 0.7445 0.9703 0.7930 -0.1005 0.1625  -0.0384 34 GLU A O   
150 C CB  . GLU A 35 ? 0.5946 0.8008 0.6170 -0.0555 0.1431  -0.0360 34 GLU A CB  
151 C CG  . GLU A 35 ? 0.6363 0.8487 0.6443 -0.0326 0.1342  -0.0354 34 GLU A CG  
152 C CD  . GLU A 35 ? 0.8241 1.0427 0.8281 -0.0214 0.1316  -0.0371 34 GLU A CD  
153 O OE1 . GLU A 35 ? 1.0021 1.2305 0.9944 -0.0027 0.1249  -0.0372 34 GLU A OE1 
154 O OE2 . GLU A 35 ? 0.7880 1.0020 0.8001 -0.0308 0.1361  -0.0383 34 GLU A OE2 
155 N N   . ALA A 36 ? 0.6137 0.7732 0.6597 -0.0977 0.1551  -0.0325 35 ALA A N   
156 C CA  . ALA A 36 ? 0.6829 0.8403 0.7430 -0.1194 0.1641  -0.0335 35 ALA A CA  
157 C C   . ALA A 36 ? 0.7825 0.9525 0.8481 -0.1326 0.1696  -0.0338 35 ALA A C   
158 O O   . ALA A 36 ? 0.7172 0.8862 0.7761 -0.1257 0.1655  -0.0321 35 ALA A O   
159 C CB  . ALA A 36 ? 0.7559 0.8716 0.8195 -0.1242 0.1626  -0.0308 35 ALA A CB  
160 N N   . ASN A 37 ? 0.7844 0.9665 0.8625 -0.1520 0.1790  -0.0359 36 ASN A N   
161 C CA  . ASN A 37 ? 0.8399 1.0332 0.9244 -0.1661 0.1848  -0.0362 36 ASN A CA  
162 C C   . ASN A 37 ? 0.9097 1.0660 0.9965 -0.1728 0.1834  -0.0325 36 ASN A C   
163 O O   . ASN A 37 ? 1.0184 1.1415 1.1023 -0.1669 0.1782  -0.0299 36 ASN A O   
164 C CB  . ASN A 37 ? 0.8265 1.0453 0.9227 -0.1842 0.1952  -0.0398 36 ASN A CB  
165 C CG  . ASN A 37 ? 0.8590 1.0438 0.9607 -0.1891 0.1894  -0.0367 36 ASN A CG  
166 O OD1 . ASN A 37 ? 0.9076 1.0599 1.0102 -0.1912 0.1877  -0.0341 36 ASN A OD1 
167 N ND2 . ASN A 37 ? 0.7926 0.9852 0.8967 -0.1893 0.1859  -0.0372 36 ASN A ND2 
168 N N   . GLU A 38 ? 0.8831 1.0450 0.9755 -0.1856 0.1882  -0.0323 37 GLU A N   
169 C CA  . GLU A 38 ? 0.8854 1.0140 0.9799 -0.1918 0.1869  -0.0288 37 GLU A CA  
170 C C   . GLU A 38 ? 0.8310 0.9279 0.9307 -0.1961 0.1834  -0.0268 37 GLU A C   
171 O O   . GLU A 38 ? 0.7947 0.8597 0.8935 -0.1953 0.1825  -0.0245 37 GLU A O   
172 C CB  . GLU A 38 ? 0.8739 1.0118 0.9708 -0.1983 0.1862  -0.0281 37 GLU A CB  
173 N N   . ALA A 39 ? 0.8525 0.9557 0.9555 -0.1962 0.1782  -0.0269 38 ALA A N   
174 C CA  . ALA A 39 ? 0.8789 0.9547 0.9839 -0.1949 0.1705  -0.0243 38 ALA A CA  
175 C C   . ALA A 39 ? 0.8351 0.8949 0.9396 -0.1928 0.1728  -0.0250 38 ALA A C   
176 O O   . ALA A 39 ? 0.7211 0.7511 0.8255 -0.1905 0.1666  -0.0222 38 ALA A O   
177 C CB  . ALA A 39 ? 0.8913 0.9804 0.9987 -0.1948 0.1663  -0.0245 38 ALA A CB  
178 N N   . GLU A 40 ? 0.8206 0.9024 0.9247 -0.1921 0.1811  -0.0285 39 GLU A N   
179 C CA  . GLU A 40 ? 0.8214 0.8905 0.9254 -0.1896 0.1850  -0.0295 39 GLU A CA  
180 C C   . GLU A 40 ? 0.7768 0.8174 0.8707 -0.1752 0.1763  -0.0259 39 GLU A C   
181 O O   . GLU A 40 ? 0.7922 0.8037 0.8842 -0.1698 0.1720  -0.0240 39 GLU A O   
182 C CB  . GLU A 40 ? 0.8637 0.9656 0.9635 -0.1804 0.1857  -0.0328 39 GLU A CB  
183 C CG  . GLU A 40 ? 0.8654 0.9902 0.9713 -0.1878 0.1880  -0.0352 39 GLU A CG  
184 C CD  . GLU A 40 ? 0.8580 1.0154 0.9625 -0.1836 0.1937  -0.0395 39 GLU A CD  
185 O OE1 . GLU A 40 ? 0.7728 0.9507 0.8686 -0.1706 0.1898  -0.0401 39 GLU A OE1 
186 O OE2 . GLU A 40 ? 0.8153 0.9709 0.9220 -0.1832 0.1917  -0.0400 39 GLU A OE2 
187 N N   . ARG A 41 ? 0.7619 0.8101 0.8485 -0.1676 0.1726  -0.0248 40 ARG A N   
188 C CA  . ARG A 41 ? 0.7113 0.7316 0.7878 -0.1537 0.1634  -0.0211 40 ARG A CA  
189 C C   . ARG A 41 ? 0.7460 0.7268 0.8279 -0.1627 0.1632  -0.0180 40 ARG A C   
190 O O   . ARG A 41 ? 0.7403 0.6912 0.8152 -0.1517 0.1558  -0.0151 40 ARG A O   
191 C CB  . ARG A 41 ? 0.7434 0.7779 0.8135 -0.1482 0.1611  -0.0206 40 ARG A CB  
192 C CG  . ARG A 41 ? 0.7286 0.7940 0.7895 -0.1329 0.1578  -0.0226 40 ARG A CG  
193 C CD  . ARG A 41 ? 0.7408 0.8258 0.7982 -0.1319 0.1578  -0.0227 40 ARG A CD  
194 N NE  . ARG A 41 ? 0.7663 0.8779 0.8134 -0.1152 0.1534  -0.0242 40 ARG A NE  
195 C CZ  . ARG A 41 ? 0.6924 0.8206 0.7325 -0.1079 0.1509  -0.0241 40 ARG A CZ  
196 N NH1 . ARG A 41 ? 0.6199 0.7399 0.6617 -0.1150 0.1518  -0.0222 40 ARG A NH1 
197 N NH2 . ARG A 41 ? 0.6608 0.8145 0.6923 -0.0930 0.1473  -0.0258 40 ARG A NH2 
198 N N   . LYS A 42 ? 0.7344 0.7145 0.8281 -0.1825 0.1713  -0.0186 41 LYS A N   
199 C CA  . LYS A 42 ? 0.7102 0.6559 0.8050 -0.1834 0.1641  -0.0151 41 LYS A CA  
200 C C   . LYS A 42 ? 0.7781 0.7057 0.8730 -0.1784 0.1597  -0.0146 41 LYS A C   
201 O O   . LYS A 42 ? 0.8709 0.7678 0.9624 -0.1721 0.1522  -0.0115 41 LYS A O   
202 C CB  . LYS A 42 ? 0.7129 0.6692 0.8098 -0.1843 0.1557  -0.0138 41 LYS A CB  
203 C CG  . LYS A 42 ? 0.7335 0.7026 0.8300 -0.1881 0.1580  -0.0136 41 LYS A CG  
204 C CD  . LYS A 42 ? 0.8909 0.8559 0.9882 -0.1864 0.1479  -0.0104 41 LYS A CD  
205 C CE  . LYS A 42 ? 0.9781 0.9600 1.0758 -0.1906 0.1508  -0.0107 41 LYS A CE  
206 N NZ  . LYS A 42 ? 0.8998 0.8723 0.9937 -0.1919 0.1565  -0.0106 41 LYS A NZ  
207 N N   . ALA A 43 ? 0.7398 0.6876 0.8381 -0.1804 0.1635  -0.0176 42 ALA A N   
208 C CA  . ALA A 43 ? 0.7055 0.6376 0.8040 -0.1760 0.1603  -0.0175 42 ALA A CA  
209 C C   . ALA A 43 ? 0.6834 0.5949 0.7774 -0.1693 0.1631  -0.0168 42 ALA A C   
210 O O   . ALA A 43 ? 0.7456 0.6251 0.8382 -0.1655 0.1586  -0.0144 42 ALA A O   
211 C CB  . ALA A 43 ? 0.7241 0.6831 0.8264 -0.1788 0.1633  -0.0207 42 ALA A CB  
212 N N   . ILE A 44 ? 0.6429 0.5772 0.7270 -0.1547 0.1589  -0.0177 43 ILE A N   
213 C CA  . ILE A 44 ? 0.7083 0.6310 0.7800 -0.1338 0.1493  -0.0163 43 ILE A CA  
214 C C   . ILE A 44 ? 0.8069 0.6964 0.8716 -0.1265 0.1420  -0.0122 43 ILE A C   
215 O O   . ILE A 44 ? 0.7625 0.6243 0.8214 -0.1162 0.1354  -0.0100 43 ILE A O   
216 C CB  . ILE A 44 ? 0.5884 0.5456 0.6513 -0.1201 0.1469  -0.0186 43 ILE A CB  
217 C CG1 . ILE A 44 ? 0.5247 0.5115 0.5929 -0.1244 0.1527  -0.0225 43 ILE A CG1 
218 C CG2 . ILE A 44 ? 0.5311 0.4745 0.5803 -0.0984 0.1366  -0.0167 43 ILE A CG2 
219 C CD1 . ILE A 44 ? 0.6495 0.6772 0.7154 -0.1220 0.1552  -0.0253 43 ILE A CD1 
220 N N   . ALA A 45 ? 0.7881 0.6804 0.8531 -0.1317 0.1431  -0.0111 44 ALA A N   
221 C CA  . ALA A 45 ? 0.7072 0.5698 0.7653 -0.1246 0.1363  -0.0073 44 ALA A CA  
222 C C   . ALA A 45 ? 0.8036 0.6275 0.8673 -0.1328 0.1361  -0.0047 44 ALA A C   
223 O O   . ALA A 45 ? 0.7879 0.5822 0.8442 -0.1220 0.1285  -0.0017 44 ALA A O   
224 C CB  . ALA A 45 ? 0.7071 0.5813 0.7656 -0.1304 0.1384  -0.0068 44 ALA A CB  
225 N N   . ARG A 46 ? 0.7082 0.5320 0.7852 -0.1515 0.1444  -0.0059 45 ARG A N   
226 C CA  . ARG A 46 ? 0.7388 0.5448 0.8148 -0.1458 0.1322  -0.0032 45 ARG A CA  
227 C C   . ARG A 46 ? 0.7717 0.5572 0.8442 -0.1375 0.1306  -0.0030 45 ARG A C   
228 O O   . ARG A 46 ? 0.8084 0.5705 0.8740 -0.1270 0.1199  0.0002  45 ARG A O   
229 C CB  . ARG A 46 ? 0.7535 0.5827 0.8347 -0.1498 0.1270  -0.0037 45 ARG A CB  
230 C CG  . ARG A 46 ? 0.8285 0.6469 0.9071 -0.1422 0.1130  -0.0004 45 ARG A CG  
231 C CD  . ARG A 46 ? 0.9526 0.7904 1.0351 -0.1449 0.1088  -0.0003 45 ARG A CD  
232 N NE  . ARG A 46 ? 1.0118 0.8702 1.0982 -0.1516 0.1123  -0.0012 45 ARG A NE  
233 C CZ  . ARG A 46 ? 1.0229 0.8817 1.1084 -0.1519 0.1077  0.0013  45 ARG A CZ  
234 N NH1 . ARG A 46 ? 1.1017 0.9426 1.1826 -0.1465 0.0996  0.0048  45 ARG A NH1 
235 N NH2 . ARG A 46 ? 1.0188 0.8968 1.1078 -0.1575 0.1108  0.0004  45 ARG A NH2 
236 N N   . ALA A 47 ? 0.7818 0.5792 0.8582 -0.1414 0.1402  -0.0063 46 ALA A N   
237 C CA  . ALA A 47 ? 0.7212 0.5073 0.7915 -0.1281 0.1346  -0.0061 46 ALA A CA  
238 C C   . ALA A 47 ? 0.7778 0.5467 0.8339 -0.1085 0.1241  -0.0034 46 ALA A C   
239 O O   . ALA A 47 ? 0.8638 0.5998 0.9166 -0.1028 0.1186  -0.0009 46 ALA A O   
240 C CB  . ALA A 47 ? 0.6094 0.4295 0.6797 -0.1248 0.1376  -0.0100 46 ALA A CB  
241 N N   . TYR A 48 ? 0.7849 0.5755 0.8325 -0.0978 0.1211  -0.0040 47 TYR A N   
242 C CA  . TYR A 48 ? 0.8001 0.5766 0.8335 -0.0781 0.1109  -0.0016 47 TYR A CA  
243 C C   . TYR A 48 ? 0.8155 0.5554 0.8471 -0.0795 0.1069  0.0024  47 TYR A C   
244 O O   . TYR A 48 ? 0.7496 0.4654 0.7713 -0.0653 0.0984  0.0050  47 TYR A O   
245 C CB  . TYR A 48 ? 0.7015 0.5088 0.7268 -0.0681 0.1091  -0.0029 47 TYR A CB  
246 C CG  . TYR A 48 ? 0.6617 0.5047 0.6853 -0.0621 0.1111  -0.0066 47 TYR A CG  
247 C CD1 . TYR A 48 ? 0.6614 0.5329 0.6771 -0.0515 0.1090  -0.0078 47 TYR A CD1 
248 C CD2 . TYR A 48 ? 0.6626 0.5123 0.6931 -0.0675 0.1154  -0.0088 47 TYR A CD2 
249 C CE1 . TYR A 48 ? 0.6324 0.5374 0.6465 -0.0459 0.1107  -0.0112 47 TYR A CE1 
250 C CE2 . TYR A 48 ? 0.6360 0.5192 0.6647 -0.0619 0.1172  -0.0123 47 TYR A CE2 
251 C CZ  . TYR A 48 ? 0.6514 0.5621 0.6719 -0.0510 0.1147  -0.0134 47 TYR A CZ  
252 O OH  . TYR A 48 ? 0.5966 0.5409 0.6155 -0.0453 0.1164  -0.0168 47 TYR A OH  
253 N N   . ALA A 49 ? 0.7767 0.5118 0.8180 -0.0965 0.1128  0.0030  48 ALA A N   
254 C CA  . ALA A 49 ? 0.7872 0.4910 0.8264 -0.0981 0.1092  0.0067  48 ALA A CA  
255 C C   . ALA A 49 ? 0.8003 0.4852 0.8370 -0.0909 0.0973  0.0092  48 ALA A C   
256 O O   . ALA A 49 ? 0.8837 0.5507 0.9114 -0.0797 0.0867  0.0122  48 ALA A O   
257 C CB  . ALA A 49 ? 0.8645 0.5835 0.9131 -0.1134 0.1119  0.0066  48 ALA A CB  
258 N N   . SER A 50 ? 0.8177 0.5164 0.8604 -0.0948 0.0948  0.0080  49 SER A N   
259 C CA  . SER A 50 ? 0.7999 0.4918 0.8384 -0.0866 0.0801  0.0103  49 SER A CA  
260 C C   . SER A 50 ? 0.8504 0.5219 0.8816 -0.0739 0.0801  0.0100  49 SER A C   
261 O O   . SER A 50 ? 0.9103 0.5687 0.9337 -0.0634 0.0670  0.0125  49 SER A O   
262 C CB  . SER A 50 ? 0.8190 0.5308 0.8643 -0.0938 0.0775  0.0095  49 SER A CB  
263 O OG  . SER A 50 ? 0.8581 0.5688 0.9051 -0.0922 0.0834  0.0071  49 SER A OG  
264 N N   . LEU A 51 ? 0.8018 0.4709 0.8345 -0.0745 0.0942  0.0070  50 LEU A N   
265 C CA  . LEU A 51 ? 0.8185 0.4746 0.8425 -0.0592 0.0926  0.0066  50 LEU A CA  
266 C C   . LEU A 51 ? 0.8813 0.5281 0.8905 -0.0407 0.0832  0.0090  50 LEU A C   
267 O O   . LEU A 51 ? 0.8870 0.5213 0.8868 -0.0252 0.0759  0.0098  50 LEU A O   
268 C CB  . LEU A 51 ? 0.8424 0.5374 0.8684 -0.0587 0.0973  0.0026  50 LEU A CB  
269 C CG  . LEU A 51 ? 0.7839 0.4905 0.8038 -0.0452 0.0941  0.0007  50 LEU A CG  
270 C CD1 . LEU A 51 ? 0.8441 0.5289 0.8697 -0.0499 0.0948  0.0010  50 LEU A CD1 
271 C CD2 . LEU A 51 ? 0.7413 0.4889 0.7661 -0.0506 0.1008  -0.0032 50 LEU A CD2 
272 N N   . PHE A 52 ? 0.8643 0.5169 0.8708 -0.0418 0.0829  0.0099  51 PHE A N   
273 C CA  . PHE A 52 ? 0.8139 0.4564 0.8065 -0.0251 0.0741  0.0124  51 PHE A CA  
274 C C   . PHE A 52 ? 0.9436 0.5584 0.9373 -0.0317 0.0728  0.0157  51 PHE A C   
275 O O   . PHE A 52 ? 0.9718 0.5910 0.9595 -0.0276 0.0704  0.0169  51 PHE A O   
276 C CB  . PHE A 52 ? 0.8097 0.4883 0.7963 -0.0172 0.0741  0.0103  51 PHE A CB  
277 C CG  . PHE A 52 ? 0.7774 0.4823 0.7618 -0.0092 0.0746  0.0072  51 PHE A CG  
278 C CD1 . PHE A 52 ? 0.7838 0.4851 0.7555 0.0107  0.0665  0.0076  51 PHE A CD1 
279 C CD2 . PHE A 52 ? 0.8032 0.5353 0.7985 -0.0219 0.0833  0.0037  51 PHE A CD2 
280 C CE1 . PHE A 52 ? 0.7560 0.4815 0.7256 0.0185  0.0668  0.0047  51 PHE A CE1 
281 C CE2 . PHE A 52 ? 0.7550 0.5114 0.7486 -0.0146 0.0838  0.0008  51 PHE A CE2 
282 C CZ  . PHE A 52 ? 0.7059 0.4589 0.6864 0.0059  0.0754  0.0013  51 PHE A CZ  
283 N N   . ALA A 53 ? 1.0096 0.6272 1.0111 -0.0395 0.0638  0.0166  52 ALA A N   
284 C CA  . ALA A 53 ? 1.0420 0.6635 1.0445 -0.0424 0.0508  0.0190  52 ALA A CA  
285 C C   . ALA A 53 ? 1.0444 0.6482 1.0366 -0.0274 0.0413  0.0214  52 ALA A C   
286 O O   . ALA A 53 ? 1.0651 0.6623 1.0529 -0.0255 0.0437  0.0227  52 ALA A O   
287 C CB  . ALA A 53 ? 1.0440 0.6783 1.0518 -0.0481 0.0380  0.0196  52 ALA A CB  
288 N N   . ASN A 54 ? 1.0317 0.6290 1.0210 -0.0165 0.0308  0.0218  53 ASN A N   
289 C CA  . ASN A 54 ? 1.2602 0.8458 1.2440 -0.0022 0.0212  0.0237  53 ASN A CA  
290 C C   . ASN A 54 ? 1.2308 0.8006 1.1986 0.0150  0.0285  0.0236  53 ASN A C   
291 O O   . ASN A 54 ? 1.3058 0.8716 1.2706 0.0282  0.0210  0.0240  53 ASN A O   
292 C CB  . ASN A 54 ? 1.4385 1.0318 1.4339 -0.0009 0.0039  0.0243  53 ASN A CB  
293 C CG  . ASN A 54 ? 1.4817 1.0894 1.4837 -0.0122 -0.0047 0.0252  53 ASN A CG  
294 O OD1 . ASN A 54 ? 1.7597 1.3791 1.7619 -0.0221 -0.0070 0.0246  53 ASN A OD1 
295 N ND2 . ASN A 54 ? 1.4003 1.0090 1.4059 -0.0096 -0.0080 0.0267  53 ASN A ND2 
296 N N   . ASP A 55 ? 1.1276 0.6902 1.0849 0.0150  0.0435  0.0233  54 ASP A N   
297 C CA  . ASP A 55 ? 0.9627 0.5403 0.9060 0.0326  0.0410  0.0225  54 ASP A CA  
298 C C   . ASP A 55 ? 0.9318 0.5246 0.8737 0.0298  0.0425  0.0228  54 ASP A C   
299 O O   . ASP A 55 ? 0.9031 0.5232 0.8537 0.0178  0.0501  0.0204  54 ASP A O   
300 C CB  . ASP A 55 ? 0.8120 0.4218 0.7587 0.0337  0.0450  0.0186  54 ASP A CB  
301 C CG  . ASP A 55 ? 0.8341 0.4610 0.7672 0.0540  0.0387  0.0177  54 ASP A CG  
302 O OD1 . ASP A 55 ? 0.8447 0.4933 0.7784 0.0583  0.0402  0.0149  54 ASP A OD1 
303 O OD2 . ASP A 55 ? 0.8183 0.4364 0.7400 0.0658  0.0322  0.0198  54 ASP A OD2 
304 N N   . ALA A 56 ? 0.9562 0.5295 0.8873 0.0400  0.0353  0.0258  55 ALA A N   
305 C CA  . ALA A 56 ? 0.8836 0.4709 0.8116 0.0397  0.0357  0.0263  55 ALA A CA  
306 C C   . ALA A 56 ? 0.9071 0.5312 0.8282 0.0511  0.0349  0.0236  55 ALA A C   
307 O O   . ALA A 56 ? 0.9004 0.5473 0.8221 0.0476  0.0380  0.0227  55 ALA A O   
308 C CB  . ALA A 56 ? 0.8624 0.4184 0.7798 0.0483  0.0279  0.0302  55 ALA A CB  
309 N N   . ASP A 57 ? 0.8440 0.4746 0.7586 0.0648  0.0311  0.0224  56 ASP A N   
310 C CA  . ASP A 57 ? 0.7820 0.4475 0.6898 0.0763  0.0303  0.0197  56 ASP A CA  
311 C C   . ASP A 57 ? 0.7489 0.4508 0.6684 0.0628  0.0398  0.0161  56 ASP A C   
312 O O   . ASP A 57 ? 0.7793 0.5122 0.6961 0.0661  0.0412  0.0142  56 ASP A O   
313 C CB  . ASP A 57 ? 0.7714 0.4337 0.6702 0.0931  0.0241  0.0193  56 ASP A CB  
314 C CG  . ASP A 57 ? 0.7534 0.4515 0.6450 0.1058  0.0230  0.0166  56 ASP A CG  
315 O OD1 . ASP A 57 ? 0.8039 0.5234 0.6999 0.1051  0.0265  0.0135  56 ASP A OD1 
316 O OD2 . ASP A 57 ? 0.8374 0.5424 0.7188 0.1166  0.0186  0.0174  56 ASP A OD2 
317 N N   . PHE A 58 ? 0.7708 0.4701 0.7035 0.0474  0.0465  0.0148  57 PHE A N   
318 C CA  . PHE A 58 ? 0.7623 0.4963 0.7058 0.0351  0.0555  0.0111  57 PHE A CA  
319 C C   . PHE A 58 ? 0.7992 0.5522 0.7473 0.0245  0.0606  0.0106  57 PHE A C   
320 O O   . PHE A 58 ? 0.7779 0.5659 0.7255 0.0261  0.0635  0.0080  57 PHE A O   
321 C CB  . PHE A 58 ? 0.7567 0.4809 0.7134 0.0195  0.0618  0.0101  57 PHE A CB  
322 C CG  . PHE A 58 ? 0.7393 0.4990 0.7056 0.0097  0.0702  0.0061  57 PHE A CG  
323 C CD1 . PHE A 58 ? 0.7389 0.5211 0.7008 0.0205  0.0690  0.0036  57 PHE A CD1 
324 C CD2 . PHE A 58 ? 0.7124 0.4836 0.6917 -0.0100 0.0791  0.0050  57 PHE A CD2 
325 C CE1 . PHE A 58 ? 0.6474 0.4627 0.6177 0.0118  0.0766  -0.0001 57 PHE A CE1 
326 C CE2 . PHE A 58 ? 0.6742 0.4783 0.6617 -0.0189 0.0867  0.0012  57 PHE A CE2 
327 C CZ  . PHE A 58 ? 0.6887 0.5150 0.6718 -0.0079 0.0854  -0.0013 57 PHE A CZ  
328 N N   . ILE A 59 ? 0.8636 0.5938 0.8161 0.0138  0.0618  0.0132  58 ILE A N   
329 C CA  . ILE A 59 ? 0.8389 0.5856 0.7958 0.0035  0.0666  0.0128  58 ILE A CA  
330 C C   . ILE A 59 ? 0.8115 0.5803 0.7567 0.0183  0.0621  0.0125  58 ILE A C   
331 O O   . ILE A 59 ? 0.8394 0.6424 0.7875 0.0143  0.0670  0.0099  58 ILE A O   
332 C CB  . ILE A 59 ? 0.9297 0.6445 0.8899 -0.0063 0.0664  0.0162  58 ILE A CB  
333 C CG1 . ILE A 59 ? 1.0714 0.7562 1.0394 -0.0153 0.0677  0.0174  58 ILE A CG1 
334 C CG2 . ILE A 59 ? 0.9170 0.6495 0.8870 -0.0233 0.0743  0.0152  58 ILE A CG2 
335 C CD1 . ILE A 59 ? 1.0886 0.7391 1.0463 -0.0013 0.0587  0.0204  58 ILE A CD1 
336 N N   . GLN A 60 ? 0.8190 0.5684 0.7505 0.0355  0.0529  0.0150  59 GLN A N   
337 C CA  . GLN A 60 ? 0.8314 0.6003 0.7506 0.0511  0.0480  0.0147  59 GLN A CA  
338 C C   . GLN A 60 ? 0.8545 0.6606 0.7731 0.0573  0.0501  0.0110  59 GLN A C   
339 O O   . GLN A 60 ? 0.8654 0.7037 0.7834 0.0576  0.0528  0.0090  59 GLN A O   
340 C CB  . GLN A 60 ? 0.8810 0.6214 0.7856 0.0695  0.0374  0.0179  59 GLN A CB  
341 C CG  . GLN A 60 ? 0.9036 0.6025 0.8097 0.0636  0.0350  0.0215  59 GLN A CG  
342 C CD  . GLN A 60 ? 0.9856 0.6635 0.8771 0.0786  0.0259  0.0248  59 GLN A CD  
343 O OE1 . GLN A 60 ? 1.1331 0.8266 1.0185 0.0839  0.0247  0.0249  59 GLN A OE1 
344 N NE2 . GLN A 60 ? 0.9575 0.6003 0.8433 0.0859  0.0196  0.0275  59 GLN A NE2 
345 N N   . ARG A 61 ? 0.8797 0.6819 0.7986 0.0620  0.0490  0.0099  60 ARG A N   
346 C CA  . ARG A 61 ? 0.7936 0.6287 0.7109 0.0692  0.0503  0.0064  60 ARG A CA  
347 C C   . ARG A 61 ? 0.7852 0.6553 0.7144 0.0537  0.0601  0.0030  60 ARG A C   
348 O O   . ARG A 61 ? 0.8611 0.7652 0.7871 0.0593  0.0611  0.0006  60 ARG A O   
349 C CB  . ARG A 61 ? 0.7793 0.6002 0.6971 0.0735  0.0484  0.0060  60 ARG A CB  
350 C CG  . ARG A 61 ? 0.7844 0.6322 0.6980 0.0844  0.0477  0.0031  60 ARG A CG  
351 C CD  . ARG A 61 ? 0.6774 0.5026 0.5869 0.0938  0.0427  0.0038  60 ARG A CD  
352 N NE  . ARG A 61 ? 0.6684 0.5014 0.5636 0.1156  0.0350  0.0037  60 ARG A NE  
353 C CZ  . ARG A 61 ? 0.7756 0.5815 0.6586 0.1308  0.0260  0.0065  60 ARG A CZ  
354 N NH1 . ARG A 61 ? 0.9119 0.6819 0.7949 0.1269  0.0233  0.0099  60 ARG A NH1 
355 N NH2 . ARG A 61 ? 0.8072 0.6226 0.6776 0.1503  0.0195  0.0060  60 ARG A NH2 
356 N N   . LEU A 62 ? 0.8054 0.6670 0.7481 0.0338  0.0672  0.0030  61 LEU A N   
357 C CA  . LEU A 62 ? 0.8038 0.6964 0.7585 0.0175  0.0769  -0.0001 61 LEU A CA  
358 C C   . LEU A 62 ? 0.9041 0.8151 0.8572 0.0152  0.0784  -0.0001 61 LEU A C   
359 O O   . LEU A 62 ? 0.9317 0.8791 0.8868 0.0133  0.0828  -0.0031 61 LEU A O   
360 C CB  . LEU A 62 ? 0.7058 0.5812 0.6746 -0.0027 0.0839  0.0002  61 LEU A CB  
361 C CG  . LEU A 62 ? 0.7023 0.6033 0.6854 -0.0220 0.0945  -0.0029 61 LEU A CG  
362 C CD1 . LEU A 62 ? 0.7520 0.6269 0.7461 -0.0372 0.0986  -0.0019 61 LEU A CD1 
363 C CD2 . LEU A 62 ? 0.8288 0.7483 0.8152 -0.0310 0.0988  -0.0034 61 LEU A CD2 
364 N N   . LEU A 63 ? 0.8917 0.7776 0.8414 0.0149  0.0751  0.0033  62 LEU A N   
365 C CA  . LEU A 63 ? 0.8374 0.7386 0.7872 0.0102  0.0772  0.0033  62 LEU A CA  
366 C C   . LEU A 63 ? 0.9076 0.8356 0.8456 0.0270  0.0727  0.0022  62 LEU A C   
367 O O   . LEU A 63 ? 0.9332 0.8925 0.8738 0.0224  0.0772  0.0002  62 LEU A O   
368 C CB  . LEU A 63 ? 0.7945 0.6616 0.7424 0.0073  0.0739  0.0073  62 LEU A CB  
369 C CG  . LEU A 63 ? 0.7847 0.6324 0.7465 -0.0133 0.0805  0.0080  62 LEU A CG  
370 C CD1 . LEU A 63 ? 0.6922 0.5002 0.6517 -0.0147 0.0763  0.0121  62 LEU A CD1 
371 C CD2 . LEU A 63 ? 0.7383 0.6138 0.7119 -0.0311 0.0901  0.0056  62 LEU A CD2 
372 N N   . ALA A 64 ? 0.7902 0.7075 0.7156 0.0464  0.0642  0.0033  63 ALA A N   
373 C CA  . ALA A 64 ? 0.8651 0.8068 0.7787 0.0636  0.0595  0.0023  63 ALA A CA  
374 C C   . ALA A 64 ? 1.0403 1.0240 0.9592 0.0604  0.0655  -0.0020 63 ALA A C   
375 O O   . ALA A 64 ? 1.0042 1.0170 0.9245 0.0568  0.0691  -0.0038 63 ALA A O   
376 C CB  . ALA A 64 ? 0.9195 0.8420 0.8193 0.0844  0.0497  0.0040  63 ALA A CB  
377 N N   . HIS A 65 ? 1.1534 1.1406 1.0750 0.0618  0.0666  -0.0039 64 HIS A N   
378 C CA  . HIS A 65 ? 1.1905 1.2160 1.1189 0.0566  0.0731  -0.0080 64 HIS A CA  
379 C C   . HIS A 65 ? 1.1622 1.1960 1.1069 0.0328  0.0835  -0.0096 64 HIS A C   
380 O O   . HIS A 65 ? 1.0698 1.1257 1.0190 0.0236  0.0885  -0.0108 64 HIS A O   
381 C CB  . HIS A 65 ? 1.2652 1.2900 1.1913 0.0657  0.0708  -0.0094 64 HIS A CB  
382 C CG  . HIS A 65 ? 1.4807 1.5376 1.4163 0.0564  0.0785  -0.0134 64 HIS A CG  
383 N ND1 . HIS A 65 ? 1.5434 1.6387 1.4828 0.0506  0.0842  -0.0164 64 HIS A ND1 
384 C CD2 . HIS A 65 ? 1.4808 1.5373 1.4229 0.0515  0.0816  -0.0151 64 HIS A CD2 
385 C CE1 . HIS A 65 ? 1.4304 1.5470 1.3781 0.0426  0.0903  -0.0196 64 HIS A CE1 
386 N NE2 . HIS A 65 ? 1.5666 1.6603 1.5161 0.0430  0.0890  -0.0189 64 HIS A NE2 
# 
